data_2QQL
#
_entry.id   2QQL
#
_cell.length_a   121.406
_cell.length_b   121.406
_cell.length_c   202.717
_cell.angle_alpha   90.000
_cell.angle_beta   90.000
_cell.angle_gamma   120.000
#
_symmetry.space_group_name_H-M   'P 32 2 1'
#
loop_
_entity.id
_entity.type
_entity.pdbx_description
1 polymer Neuropilin-2
2 polymer 'Antibody Heavy Chain'
3 polymer 'Antibody Light Chain'
#
loop_
_entity_poly.entity_id
_entity_poly.type
_entity_poly.pdbx_seq_one_letter_code
_entity_poly.pdbx_strand_id
1 'polypeptide(L)'
;QPDPPCGGRLNSKDAGYITSPGYPQDYPSHQNCEWIVYAPEPNQKIVLNFNPHFEIEKHDCKYDFIEIRDGDSESADLLG
KHCGNIAPPTIISSGSMLYIKFTSDYARQGAGFSLRYEIFKTGSEDCSKNFTSPNGTIESPGFPEKYPHNLDCTFTILAK
PKMEIILQFLIFDLEHDPLQVGEGDCKYDWLDIWDGIPHVGPLIGKYCGTKTPSELRSSTGILSLTFHTDMAVAKDGFSA
RYYLVHQEPLENFQCNVPLGMESGRIANEQISASSTYSDGRWTPQQSRLHGDDNGWTPNLDSNKEYLQVDLRFLTMLTAI
ATQGAISRETQNGYYVKSYKLEVSTNGEDWMVYRHGKNHKVFQANNDATEVVLNKLHAPLLTRFVRIRPQTWHSGIALRL
ELFGCRVTDAPCSNMLGMLSGLIADSQISASSTQEYLWSPSAARLVSSRSGWFPRIPQAQPGEEWLQVDLGTPKTVKGVI
IQGARGGDSITAVEARAFVRKFKVSYSLNGKDWEYIQDPRTQQPKLFEGNMHYDTPDIRRFDPIPAQYVRVYPERWSPAG
IGMRLEVLGCDWTHHHHHH
;
A
2 'polypeptide(L)'
;EVQLVESGGGLVQPGGSLRLSCAASGFTISGYGIHWVRQAPGKGLEWVAYIYPDSGYTDYADSVKGRFTISADTSKNTAY
LQMNSLRAEDTAVYYCAREDFRNRRRLWYVMDYWGQGTLVTVSSASTKGPSVFPLAPSSKSTSGGTAALGCLVKDYFPEP
VTVSWNSGALTSGVHTFPAVLQSSGLYSLSSVVTVPSSSLGTQTYICNVNHKPSNTKVDKKVEPKSCDKTH
;
H
3 'polypeptide(L)'
;DIQMTQSPSSLSASVGDRVTITCRASQDVSTAVAWYQQKPGKAPKLLIYSASFLYSGVPSRFSGSGSGTDFTLTISSLQP
EDFATYYCQQAWAYLPTFGQGTKVEIKRTVAAPSVFIFPPSDEQLKSGTASVVCLLNNFYPREAKVQWKVDNALQSGNSQ
ESVTEQDSKDSTYSLSSTLTLSKADYEKHKVYACEVTHQGLSSPVTKSFNRGEC
;
L
#
# COMPACT_ATOMS: atom_id res chain seq x y z
N PRO A 4 -1.80 -11.75 -14.33
CA PRO A 4 -1.10 -10.59 -13.77
C PRO A 4 -0.02 -10.98 -12.75
N PRO A 5 1.18 -11.35 -13.23
CA PRO A 5 2.32 -11.77 -12.40
C PRO A 5 2.54 -10.94 -11.11
N CYS A 6 2.54 -11.63 -9.97
CA CYS A 6 2.65 -10.96 -8.68
C CYS A 6 4.06 -10.39 -8.52
N GLY A 7 4.16 -9.23 -7.87
CA GLY A 7 5.45 -8.58 -7.65
C GLY A 7 5.76 -7.58 -8.73
N GLY A 8 6.80 -6.79 -8.50
CA GLY A 8 7.27 -5.79 -9.45
C GLY A 8 8.11 -4.71 -8.79
N ARG A 9 8.29 -3.62 -9.51
CA ARG A 9 9.02 -2.46 -9.00
C ARG A 9 8.11 -1.26 -8.94
N LEU A 10 7.87 -0.75 -7.75
CA LEU A 10 6.95 0.35 -7.61
C LEU A 10 7.68 1.61 -7.20
N ASN A 11 7.32 2.72 -7.85
CA ASN A 11 7.91 4.02 -7.59
C ASN A 11 7.04 4.73 -6.57
N SER A 12 7.53 4.82 -5.34
CA SER A 12 6.70 5.27 -4.22
C SER A 12 6.37 6.77 -4.21
N LYS A 13 6.81 7.51 -5.23
CA LYS A 13 6.43 8.92 -5.39
C LYS A 13 4.98 9.13 -5.02
N ASP A 14 4.14 8.19 -5.46
CA ASP A 14 2.73 8.10 -5.05
C ASP A 14 2.48 6.87 -4.16
N ALA A 15 1.91 7.12 -2.98
CA ALA A 15 1.65 6.07 -1.98
C ALA A 15 0.78 4.98 -2.58
N GLY A 16 1.09 3.72 -2.26
CA GLY A 16 0.36 2.59 -2.86
C GLY A 16 0.23 1.38 -1.96
N TYR A 17 -0.36 0.31 -2.50
CA TYR A 17 -0.61 -0.91 -1.74
C TYR A 17 0.06 -2.13 -2.35
N ILE A 18 0.38 -3.09 -1.51
CA ILE A 18 0.92 -4.36 -1.95
C ILE A 18 0.29 -5.40 -1.07
N THR A 19 -0.31 -6.42 -1.69
CA THR A 19 -0.98 -7.48 -0.95
C THR A 19 -0.68 -8.81 -1.60
N SER A 20 -0.66 -9.86 -0.78
CA SER A 20 -0.59 -11.22 -1.28
C SER A 20 -1.72 -11.41 -2.30
N PRO A 21 -1.37 -11.93 -3.48
CA PRO A 21 -2.18 -11.95 -4.69
C PRO A 21 -3.68 -11.90 -4.50
N GLY A 22 -4.25 -12.86 -3.78
CA GLY A 22 -5.70 -12.94 -3.64
C GLY A 22 -6.27 -11.84 -2.77
N TYR A 23 -5.54 -11.52 -1.70
CA TYR A 23 -6.05 -10.81 -0.51
C TYR A 23 -7.34 -9.98 -0.69
N PRO A 24 -8.34 -10.20 0.16
CA PRO A 24 -8.43 -11.14 1.31
C PRO A 24 -8.73 -12.59 0.95
N GLN A 25 -8.86 -12.87 -0.33
CA GLN A 25 -9.11 -14.23 -0.77
C GLN A 25 -7.86 -14.95 -0.40
N ASP A 26 -7.96 -16.21 0.01
CA ASP A 26 -6.77 -16.97 0.42
C ASP A 26 -5.70 -17.02 -0.70
N TYR A 27 -4.44 -16.88 -0.29
CA TYR A 27 -3.35 -16.78 -1.23
C TYR A 27 -3.08 -18.16 -1.81
N PRO A 28 -2.70 -18.22 -3.10
CA PRO A 28 -2.36 -19.51 -3.69
C PRO A 28 -1.12 -20.19 -3.10
N SER A 29 -1.03 -21.50 -3.31
CA SER A 29 0.14 -22.28 -2.92
C SER A 29 1.29 -22.03 -3.89
N HIS A 30 2.48 -22.48 -3.52
CA HIS A 30 3.63 -22.53 -4.43
C HIS A 30 3.90 -21.15 -5.05
N GLN A 31 4.16 -20.16 -4.18
CA GLN A 31 4.13 -18.73 -4.56
C GLN A 31 5.41 -17.95 -4.20
N ASN A 32 5.89 -17.15 -5.14
CA ASN A 32 7.14 -16.41 -4.97
C ASN A 32 7.07 -14.97 -5.44
N CYS A 33 6.27 -14.18 -4.74
CA CYS A 33 6.17 -12.77 -5.04
C CYS A 33 7.35 -12.03 -4.44
N GLU A 34 8.06 -11.24 -5.25
CA GLU A 34 9.00 -10.26 -4.72
C GLU A 34 8.78 -8.86 -5.32
N TRP A 35 8.79 -7.86 -4.47
CA TRP A 35 8.58 -6.47 -4.87
C TRP A 35 9.80 -5.61 -4.50
N ILE A 36 9.97 -4.50 -5.21
CA ILE A 36 10.90 -3.45 -4.80
C ILE A 36 10.15 -2.13 -4.77
N VAL A 37 10.15 -1.48 -3.60
CA VAL A 37 9.49 -0.19 -3.45
C VAL A 37 10.60 0.83 -3.34
N TYR A 38 10.66 1.76 -4.29
CA TYR A 38 11.74 2.76 -4.26
C TYR A 38 11.23 4.20 -4.30
N ALA A 39 11.94 5.08 -3.57
CA ALA A 39 11.69 6.52 -3.60
C ALA A 39 12.48 7.11 -4.75
N PRO A 40 11.93 8.14 -5.40
CA PRO A 40 12.58 8.78 -6.55
C PRO A 40 13.74 9.70 -6.20
N GLU A 41 14.04 9.87 -4.90
CA GLU A 41 15.16 10.70 -4.44
C GLU A 41 15.94 9.95 -3.38
N PRO A 42 17.29 10.07 -3.38
CA PRO A 42 18.16 9.33 -2.43
C PRO A 42 17.97 9.81 -1.00
N ASN A 43 17.91 11.13 -0.88
CA ASN A 43 17.11 11.85 0.10
C ASN A 43 16.15 11.02 0.95
N GLN A 44 15.16 10.42 0.27
CA GLN A 44 13.97 9.85 0.89
C GLN A 44 14.13 8.44 1.39
N LYS A 45 13.27 8.06 2.32
CA LYS A 45 13.15 6.69 2.79
C LYS A 45 11.76 6.12 2.46
N ILE A 46 11.63 4.80 2.49
CA ILE A 46 10.33 4.15 2.37
C ILE A 46 9.81 3.79 3.77
N VAL A 47 8.50 3.97 3.99
CA VAL A 47 7.84 3.41 5.18
C VAL A 47 6.68 2.48 4.76
N LEU A 48 6.56 1.35 5.45
CA LEU A 48 5.46 0.42 5.22
C LEU A 48 4.59 0.33 6.46
N ASN A 49 3.26 0.38 6.29
CA ASN A 49 2.38 -0.03 7.38
C ASN A 49 1.40 -1.08 6.95
N PHE A 50 1.37 -2.15 7.73
CA PHE A 50 0.54 -3.30 7.48
C PHE A 50 -0.90 -3.19 8.00
N ASN A 51 -1.81 -3.86 7.31
CA ASN A 51 -3.19 -3.97 7.78
C ASN A 51 -3.29 -5.02 8.91
N PRO A 52 -4.03 -4.72 9.98
CA PRO A 52 -4.12 -5.64 11.11
C PRO A 52 -4.70 -6.99 10.76
N HIS A 53 -5.54 -7.03 9.74
CA HIS A 53 -6.12 -8.28 9.29
C HIS A 53 -5.01 -8.97 8.51
N PHE A 54 -4.23 -9.78 9.22
CA PHE A 54 -3.04 -10.41 8.66
C PHE A 54 -3.07 -11.90 9.04
N GLU A 55 -3.14 -12.79 8.06
CA GLU A 55 -3.15 -14.23 8.34
C GLU A 55 -2.26 -15.02 7.36
N ILE A 56 -1.30 -15.74 7.92
CA ILE A 56 -0.33 -16.55 7.15
C ILE A 56 -0.07 -17.80 7.96
N GLU A 57 0.36 -18.88 7.32
CA GLU A 57 0.47 -20.15 8.04
C GLU A 57 1.51 -20.13 9.17
N LYS A 58 1.16 -20.78 10.28
CA LYS A 58 1.98 -20.78 11.48
C LYS A 58 3.12 -21.80 11.41
N HIS A 59 3.06 -22.80 12.29
CA HIS A 59 4.18 -23.66 12.59
C HIS A 59 5.25 -22.72 13.11
N ASP A 60 6.46 -22.70 12.52
CA ASP A 60 7.45 -21.70 12.95
C ASP A 60 7.95 -20.85 11.78
N CYS A 61 7.06 -20.46 10.89
CA CYS A 61 7.41 -19.88 9.58
C CYS A 61 8.33 -20.76 8.77
N LYS A 62 8.30 -22.06 9.04
CA LYS A 62 9.08 -22.97 8.25
C LYS A 62 8.55 -22.90 6.82
N TYR A 63 7.24 -22.77 6.65
CA TYR A 63 6.64 -22.95 5.32
C TYR A 63 6.23 -21.63 4.61
N ASP A 64 5.27 -20.90 5.16
CA ASP A 64 4.79 -19.68 4.50
C ASP A 64 5.16 -18.48 5.34
N PHE A 65 5.59 -17.39 4.69
CA PHE A 65 6.07 -16.17 5.40
C PHE A 65 6.24 -14.92 4.52
N ILE A 66 6.33 -13.77 5.16
CA ILE A 66 6.68 -12.50 4.51
C ILE A 66 8.05 -11.98 5.02
N GLU A 67 8.87 -11.49 4.09
CA GLU A 67 10.22 -11.02 4.41
C GLU A 67 10.44 -9.63 3.85
N ILE A 68 10.75 -8.69 4.73
CA ILE A 68 11.07 -7.34 4.32
C ILE A 68 12.59 -7.21 4.54
N ARG A 69 13.31 -6.85 3.49
CA ARG A 69 14.76 -6.68 3.56
C ARG A 69 15.10 -5.24 3.26
N ASP A 70 16.21 -4.76 3.83
CA ASP A 70 16.53 -3.34 3.74
C ASP A 70 17.44 -3.00 2.58
N GLY A 71 16.83 -2.69 1.45
CA GLY A 71 17.53 -2.08 0.33
C GLY A 71 16.93 -2.48 -1.00
N ASP A 72 17.27 -3.67 -1.44
CA ASP A 72 16.96 -4.13 -2.79
C ASP A 72 17.77 -5.40 -2.99
N SER A 73 17.11 -6.47 -3.40
CA SER A 73 17.71 -7.81 -3.51
C SER A 73 17.69 -8.58 -2.19
N GLU A 74 17.93 -9.89 -2.29
CA GLU A 74 17.77 -10.84 -1.18
C GLU A 74 18.90 -10.78 -0.17
N SER A 75 19.98 -10.09 -0.56
CA SER A 75 21.20 -10.01 0.25
C SER A 75 21.26 -8.68 0.96
N ALA A 76 20.13 -7.98 1.05
CA ALA A 76 19.97 -6.85 1.96
C ALA A 76 19.67 -7.41 3.35
N ASP A 77 19.91 -6.62 4.38
CA ASP A 77 19.71 -7.10 5.73
C ASP A 77 18.23 -7.35 5.94
N LEU A 78 17.92 -8.36 6.75
CA LEU A 78 16.53 -8.72 7.06
C LEU A 78 15.94 -7.82 8.14
N LEU A 79 15.07 -6.91 7.75
CA LEU A 79 14.30 -6.10 8.70
C LEU A 79 13.20 -6.87 9.42
N GLY A 80 12.70 -7.95 8.83
CA GLY A 80 11.68 -8.78 9.49
C GLY A 80 11.23 -9.97 8.67
N LYS A 81 10.92 -11.07 9.36
CA LYS A 81 10.29 -12.26 8.74
C LYS A 81 9.06 -12.62 9.56
N HIS A 82 7.88 -12.52 8.96
CA HIS A 82 6.68 -12.75 9.74
C HIS A 82 5.76 -13.78 9.14
N CYS A 83 5.04 -14.43 10.03
CA CYS A 83 4.06 -15.42 9.69
C CYS A 83 3.20 -15.57 10.93
N GLY A 84 1.95 -15.98 10.75
CA GLY A 84 0.98 -16.08 11.84
C GLY A 84 -0.14 -15.09 11.63
N ASN A 85 -0.74 -14.64 12.72
CA ASN A 85 -1.84 -13.68 12.66
C ASN A 85 -1.52 -12.27 13.17
N ILE A 86 -0.23 -11.95 13.33
CA ILE A 86 0.22 -10.64 13.80
C ILE A 86 0.97 -9.89 12.71
N ALA A 87 0.35 -8.80 12.25
CA ALA A 87 0.96 -7.99 11.21
C ALA A 87 2.25 -7.43 11.79
N PRO A 88 3.27 -7.20 10.94
CA PRO A 88 4.49 -6.58 11.43
C PRO A 88 4.31 -5.11 11.72
N PRO A 89 5.21 -4.54 12.55
CA PRO A 89 5.10 -3.17 13.00
C PRO A 89 5.74 -2.31 11.92
N THR A 90 5.57 -0.99 12.01
CA THR A 90 6.02 -0.14 10.93
C THR A 90 7.47 -0.42 10.63
N ILE A 91 7.76 -0.63 9.36
CA ILE A 91 9.14 -0.77 8.92
C ILE A 91 9.54 0.45 8.09
N ILE A 92 10.53 1.21 8.59
CA ILE A 92 11.08 2.36 7.86
C ILE A 92 12.39 1.91 7.29
N SER A 93 12.65 2.25 6.03
CA SER A 93 13.86 1.82 5.34
C SER A 93 15.00 2.58 5.90
N SER A 94 16.22 2.17 5.59
CA SER A 94 17.37 3.02 5.87
C SER A 94 17.93 3.68 4.59
N GLY A 95 17.61 3.12 3.43
CA GLY A 95 18.01 3.72 2.14
C GLY A 95 16.81 4.29 1.42
N SER A 96 16.85 4.30 0.10
CA SER A 96 15.75 4.83 -0.70
C SER A 96 14.88 3.72 -1.28
N MET A 97 15.11 2.49 -0.81
CA MET A 97 14.56 1.32 -1.47
C MET A 97 14.26 0.23 -0.44
N LEU A 98 13.24 -0.58 -0.71
CA LEU A 98 12.92 -1.76 0.10
C LEU A 98 12.59 -2.97 -0.79
N TYR A 99 12.78 -4.17 -0.22
CA TYR A 99 12.50 -5.42 -0.91
C TYR A 99 11.61 -6.28 -0.03
N ILE A 100 10.49 -6.70 -0.60
CA ILE A 100 9.50 -7.56 0.08
C ILE A 100 9.38 -8.89 -0.69
N LYS A 101 9.33 -10.01 0.05
CA LYS A 101 9.14 -11.32 -0.55
C LYS A 101 8.15 -12.16 0.23
N PHE A 102 7.20 -12.74 -0.51
CA PHE A 102 6.19 -13.61 0.05
C PHE A 102 6.43 -15.04 -0.44
N THR A 103 6.40 -16.00 0.48
CA THR A 103 6.66 -17.41 0.15
C THR A 103 5.50 -18.30 0.59
N SER A 104 5.11 -19.22 -0.30
CA SER A 104 4.02 -20.16 -0.08
C SER A 104 4.43 -21.61 -0.43
N ASP A 105 4.18 -22.52 0.51
CA ASP A 105 4.46 -23.93 0.35
C ASP A 105 3.37 -24.57 -0.50
N TYR A 106 3.66 -25.75 -1.02
CA TYR A 106 2.65 -26.58 -1.68
C TYR A 106 1.86 -27.35 -0.60
N ALA A 107 1.06 -26.60 0.20
CA ALA A 107 0.13 -27.15 1.23
C ALA A 107 -0.47 -26.06 2.14
N ARG A 108 -1.81 -25.91 2.11
CA ARG A 108 -2.59 -24.97 2.99
C ARG A 108 -2.17 -23.48 3.02
N GLN A 109 -3.16 -22.60 3.10
CA GLN A 109 -2.97 -21.14 3.08
C GLN A 109 -3.92 -20.37 4.03
N GLY A 110 -4.03 -19.06 3.83
CA GLY A 110 -4.78 -18.15 4.72
C GLY A 110 -5.02 -16.84 4.01
N ALA A 111 -5.64 -15.89 4.69
CA ALA A 111 -6.07 -14.64 4.06
C ALA A 111 -4.94 -13.94 3.37
N GLY A 112 -3.82 -13.85 4.08
CA GLY A 112 -2.59 -13.29 3.55
C GLY A 112 -2.26 -11.99 4.25
N PHE A 113 -1.87 -10.98 3.47
CA PHE A 113 -1.46 -9.69 4.02
C PHE A 113 -1.73 -8.54 3.06
N SER A 114 -1.92 -7.36 3.61
CA SER A 114 -1.88 -6.12 2.85
C SER A 114 -1.05 -5.08 3.58
N LEU A 115 -0.16 -4.39 2.84
CA LEU A 115 0.52 -3.21 3.35
C LEU A 115 0.42 -2.00 2.44
N ARG A 116 0.71 -0.85 3.03
CA ARG A 116 0.75 0.40 2.31
C ARG A 116 2.15 0.96 2.38
N TYR A 117 2.68 1.41 1.25
CA TYR A 117 3.99 2.05 1.15
C TYR A 117 3.86 3.55 0.87
N GLU A 118 4.80 4.35 1.37
CA GLU A 118 4.91 5.78 1.01
C GLU A 118 6.26 6.36 1.40
N ILE A 119 6.60 7.52 0.84
CA ILE A 119 7.91 8.09 1.11
C ILE A 119 7.88 8.60 2.55
N PHE A 120 8.92 8.24 3.30
CA PHE A 120 9.17 8.73 4.66
C PHE A 120 10.26 9.80 4.55
N LYS A 121 9.96 10.96 5.10
CA LYS A 121 10.83 12.12 4.94
C LYS A 121 11.65 12.21 6.22
N THR A 122 12.96 12.29 6.06
CA THR A 122 13.92 12.19 7.16
C THR A 122 14.46 13.56 7.58
N GLY A 123 14.54 14.50 6.65
CA GLY A 123 15.04 15.83 6.94
C GLY A 123 16.15 16.18 5.98
N SER A 124 16.88 15.15 5.55
CA SER A 124 18.00 15.24 4.62
C SER A 124 17.68 16.09 3.38
N GLU A 125 18.68 16.74 2.79
CA GLU A 125 18.48 17.52 1.57
C GLU A 125 19.07 16.81 0.35
N ASP A 126 18.38 16.90 -0.79
CA ASP A 126 18.92 16.39 -2.05
C ASP A 126 19.64 17.53 -2.75
N CYS A 127 20.97 17.53 -2.62
CA CYS A 127 21.85 18.54 -3.19
C CYS A 127 22.48 18.13 -4.55
N SER A 128 21.87 17.19 -5.25
CA SER A 128 22.40 16.68 -6.52
C SER A 128 22.64 17.74 -7.59
N LYS A 129 23.71 17.56 -8.36
CA LYS A 129 23.98 18.39 -9.51
C LYS A 129 24.53 17.53 -10.65
N ASN A 130 24.18 17.90 -11.87
CA ASN A 130 24.81 17.35 -13.05
C ASN A 130 25.87 18.33 -13.57
N PHE A 131 26.94 17.78 -14.13
CA PHE A 131 28.09 18.55 -14.57
C PHE A 131 28.29 18.38 -16.05
N THR A 132 28.22 19.51 -16.75
CA THR A 132 28.23 19.58 -18.21
C THR A 132 29.51 20.20 -18.72
N SER A 133 30.01 21.15 -17.94
CA SER A 133 31.00 22.13 -18.36
C SER A 133 32.38 21.46 -18.57
N PRO A 134 33.27 22.10 -19.36
CA PRO A 134 34.60 21.53 -19.63
C PRO A 134 35.44 21.23 -18.39
N ASN A 135 35.44 22.13 -17.42
CA ASN A 135 36.15 21.94 -16.17
C ASN A 135 35.37 22.54 -15.00
N GLY A 136 35.48 21.95 -13.82
CA GLY A 136 34.83 22.51 -12.63
C GLY A 136 35.10 21.73 -11.37
N THR A 137 34.65 22.27 -10.24
CA THR A 137 34.79 21.61 -8.95
C THR A 137 33.55 20.81 -8.58
N ILE A 138 33.72 19.56 -8.19
CA ILE A 138 32.65 18.81 -7.58
C ILE A 138 33.01 18.71 -6.11
N GLU A 139 32.13 19.19 -5.23
CA GLU A 139 32.40 19.16 -3.78
C GLU A 139 31.11 19.11 -2.96
N SER A 140 31.29 18.83 -1.67
CA SER A 140 30.21 18.98 -0.68
C SER A 140 29.70 20.42 -0.72
N PRO A 141 28.42 20.61 -0.38
CA PRO A 141 27.95 21.96 -0.10
C PRO A 141 28.68 22.51 1.11
N GLY A 142 29.09 23.77 1.04
CA GLY A 142 29.73 24.43 2.15
C GLY A 142 31.18 24.05 2.40
N PHE A 143 31.71 23.05 1.69
CA PHE A 143 33.10 22.66 1.85
C PHE A 143 33.95 23.92 1.81
N PRO A 144 34.96 24.04 2.68
CA PRO A 144 35.70 23.10 3.55
C PRO A 144 35.03 22.68 4.86
N GLU A 145 33.81 23.16 5.11
CA GLU A 145 33.18 22.99 6.41
C GLU A 145 31.95 22.12 6.29
N LYS A 146 31.30 21.87 7.42
CA LYS A 146 30.11 21.01 7.48
C LYS A 146 28.88 21.79 7.04
N TYR A 147 28.10 21.19 6.15
CA TYR A 147 26.78 21.69 5.78
C TYR A 147 25.83 21.14 6.83
N PRO A 148 25.19 22.01 7.63
CA PRO A 148 24.50 21.55 8.82
C PRO A 148 23.14 20.96 8.46
N HIS A 149 23.20 19.82 7.80
CA HIS A 149 22.06 19.16 7.25
C HIS A 149 22.55 17.78 6.85
N ASN A 150 21.68 16.78 6.90
CA ASN A 150 21.97 15.52 6.24
C ASN A 150 22.00 15.78 4.75
N LEU A 151 22.71 14.93 4.02
CA LEU A 151 22.66 14.98 2.58
C LEU A 151 22.63 13.58 1.99
N ASP A 152 22.17 13.56 0.74
CA ASP A 152 22.07 12.37 -0.08
C ASP A 152 22.00 12.94 -1.48
N CYS A 153 23.10 12.85 -2.24
CA CYS A 153 23.20 13.56 -3.51
C CYS A 153 23.89 12.74 -4.59
N THR A 154 23.38 12.88 -5.81
CA THR A 154 24.07 12.40 -6.99
C THR A 154 24.79 13.53 -7.70
N PHE A 155 26.10 13.33 -7.88
CA PHE A 155 26.87 14.13 -8.78
C PHE A 155 27.16 13.21 -9.96
N THR A 156 26.70 13.57 -11.16
CA THR A 156 27.11 12.83 -12.33
C THR A 156 27.82 13.80 -13.29
N ILE A 157 28.92 13.35 -13.86
CA ILE A 157 29.59 14.05 -14.92
C ILE A 157 29.07 13.42 -16.20
N LEU A 158 28.72 14.26 -17.18
CA LEU A 158 28.26 13.82 -18.50
C LEU A 158 29.18 14.42 -19.51
N ALA A 159 29.66 13.61 -20.45
CA ALA A 159 30.61 14.05 -21.47
C ALA A 159 30.08 13.72 -22.84
N LYS A 160 30.24 14.66 -23.77
CA LYS A 160 29.94 14.44 -25.19
C LYS A 160 30.88 13.35 -25.70
N PRO A 161 30.48 12.60 -26.74
CA PRO A 161 31.34 11.47 -27.12
C PRO A 161 32.72 11.93 -27.60
N LYS A 162 33.72 11.07 -27.48
CA LYS A 162 35.11 11.40 -27.89
C LYS A 162 35.82 12.23 -26.81
N MET A 163 35.18 12.39 -25.65
CA MET A 163 35.74 13.17 -24.55
C MET A 163 35.98 12.27 -23.35
N GLU A 164 37.22 12.21 -22.88
CA GLU A 164 37.56 11.47 -21.67
C GLU A 164 37.27 12.31 -20.43
N ILE A 165 36.71 11.70 -19.38
CA ILE A 165 36.50 12.39 -18.09
C ILE A 165 37.61 12.06 -17.12
N ILE A 166 38.23 13.08 -16.55
CA ILE A 166 39.29 12.94 -15.55
C ILE A 166 38.79 13.53 -14.26
N LEU A 167 38.73 12.71 -13.22
CA LEU A 167 38.29 13.13 -11.89
C LEU A 167 39.44 12.94 -10.93
N GLN A 168 39.75 13.96 -10.15
CA GLN A 168 40.86 13.87 -9.18
C GLN A 168 40.50 14.64 -7.93
N PHE A 169 40.79 14.01 -6.78
CA PHE A 169 40.31 14.50 -5.50
C PHE A 169 41.38 15.28 -4.75
N LEU A 170 41.02 16.45 -4.24
CA LEU A 170 41.95 17.30 -3.53
C LEU A 170 41.99 16.92 -2.06
N ILE A 171 40.81 16.85 -1.45
CA ILE A 171 40.69 16.50 -0.04
C ILE A 171 39.52 15.56 0.11
N PHE A 172 39.66 14.58 1.00
CA PHE A 172 38.64 13.58 1.22
C PHE A 172 38.60 13.20 2.71
N ASP A 173 37.51 13.57 3.39
CA ASP A 173 37.45 13.53 4.86
C ASP A 173 36.13 12.99 5.38
N LEU A 174 35.91 11.67 5.27
CA LEU A 174 34.67 11.03 5.73
C LEU A 174 34.90 10.00 6.87
N CYS A 186 31.65 2.64 7.96
CA CYS A 186 31.19 3.16 6.67
C CYS A 186 29.67 3.37 6.65
N LYS A 187 29.08 3.53 7.83
CA LYS A 187 27.62 3.52 7.99
C LYS A 187 27.00 4.92 7.90
N TYR A 188 27.60 5.89 8.60
CA TYR A 188 27.09 7.26 8.58
C TYR A 188 27.39 7.93 7.25
N ASP A 189 28.66 7.96 6.87
CA ASP A 189 29.07 8.67 5.63
C ASP A 189 29.71 7.77 4.59
N TRP A 190 29.42 8.05 3.33
CA TRP A 190 30.14 7.39 2.27
C TRP A 190 29.98 8.11 0.93
N LEU A 191 30.84 7.74 0.01
CA LEU A 191 30.79 8.24 -1.36
C LEU A 191 31.21 7.09 -2.24
N ASP A 192 30.26 6.52 -2.97
CA ASP A 192 30.61 5.50 -3.93
C ASP A 192 30.67 6.15 -5.30
N ILE A 193 31.52 5.60 -6.16
CA ILE A 193 31.70 6.08 -7.54
C ILE A 193 31.23 5.03 -8.54
N TRP A 194 30.39 5.44 -9.49
CA TRP A 194 29.77 4.53 -10.46
C TRP A 194 30.24 4.75 -11.88
N ASP A 195 30.53 3.66 -12.60
CA ASP A 195 30.85 3.75 -14.03
C ASP A 195 29.57 3.79 -14.86
N GLY A 196 28.79 4.85 -14.66
CA GLY A 196 27.45 4.90 -15.21
C GLY A 196 26.45 5.59 -14.30
N ILE A 197 25.18 5.27 -14.48
CA ILE A 197 24.19 5.74 -13.54
C ILE A 197 24.20 4.85 -12.31
N PRO A 198 24.14 5.48 -11.14
CA PRO A 198 24.25 4.70 -9.91
C PRO A 198 23.25 3.57 -9.87
N HIS A 199 23.70 2.41 -9.38
CA HIS A 199 22.88 1.20 -9.28
C HIS A 199 22.37 0.67 -10.62
N VAL A 200 23.04 1.05 -11.70
CA VAL A 200 22.74 0.59 -13.05
C VAL A 200 24.05 0.27 -13.78
N GLY A 201 24.98 1.21 -13.72
CA GLY A 201 26.36 0.98 -14.15
C GLY A 201 27.10 0.18 -13.09
N PRO A 202 28.34 -0.28 -13.40
CA PRO A 202 29.09 -0.98 -12.38
C PRO A 202 29.59 -0.02 -11.31
N LEU A 203 29.84 -0.56 -10.14
CA LEU A 203 30.44 0.18 -9.05
C LEU A 203 31.93 0.21 -9.31
N ILE A 204 32.50 1.39 -9.42
CA ILE A 204 33.96 1.48 -9.44
C ILE A 204 34.49 1.22 -8.03
N GLY A 205 33.89 1.86 -7.02
CA GLY A 205 34.28 1.58 -5.63
C GLY A 205 33.59 2.42 -4.59
N LYS A 206 33.48 1.87 -3.39
CA LYS A 206 32.89 2.59 -2.27
C LYS A 206 34.04 3.17 -1.50
N TYR A 207 33.95 4.46 -1.20
CA TYR A 207 34.96 5.11 -0.37
C TYR A 207 34.33 5.76 0.87
N CYS A 208 35.06 5.70 1.98
CA CYS A 208 34.70 6.42 3.21
C CYS A 208 35.93 6.51 4.10
N GLY A 209 35.90 7.42 5.07
CA GLY A 209 37.07 7.72 5.90
C GLY A 209 37.97 8.76 5.26
N THR A 210 39.26 8.70 5.58
CA THR A 210 40.29 9.51 4.93
C THR A 210 40.94 8.68 3.81
N LYS A 211 40.23 7.63 3.40
CA LYS A 211 40.54 6.83 2.20
C LYS A 211 40.38 7.69 0.91
N THR A 212 41.36 8.58 0.68
CA THR A 212 41.37 9.52 -0.46
C THR A 212 41.54 8.81 -1.82
N PRO A 213 40.49 8.84 -2.67
CA PRO A 213 40.45 7.96 -3.84
C PRO A 213 41.30 8.46 -5.00
N SER A 214 41.94 7.52 -5.69
CA SER A 214 42.87 7.83 -6.75
C SER A 214 42.18 8.39 -7.99
N GLU A 215 42.94 9.14 -8.79
CA GLU A 215 42.44 9.72 -10.04
C GLU A 215 41.76 8.66 -10.87
N LEU A 216 40.72 9.07 -11.59
CA LEU A 216 39.96 8.18 -12.48
C LEU A 216 39.85 8.79 -13.86
N ARG A 217 40.13 7.98 -14.87
CA ARG A 217 39.97 8.40 -16.25
C ARG A 217 38.92 7.47 -16.87
N SER A 218 37.73 8.01 -17.14
CA SER A 218 36.62 7.26 -17.72
C SER A 218 36.32 7.76 -19.10
N SER A 219 36.17 6.82 -20.03
CA SER A 219 35.75 7.17 -21.38
C SER A 219 34.35 6.63 -21.65
N THR A 220 33.65 6.22 -20.58
CA THR A 220 32.32 5.64 -20.68
C THR A 220 31.27 6.67 -21.09
N GLY A 221 31.55 7.96 -20.89
CA GLY A 221 30.62 9.03 -21.24
C GLY A 221 29.87 9.57 -20.04
N ILE A 222 29.83 8.79 -18.96
CA ILE A 222 29.38 9.27 -17.67
C ILE A 222 30.24 8.70 -16.55
N LEU A 223 30.32 9.46 -15.49
CA LEU A 223 30.94 9.00 -14.25
C LEU A 223 30.16 9.74 -13.21
N SER A 224 29.64 9.00 -12.23
CA SER A 224 28.85 9.62 -11.19
C SER A 224 29.20 9.17 -9.77
N LEU A 225 28.92 10.07 -8.82
CA LEU A 225 29.15 9.88 -7.39
C LEU A 225 27.85 9.96 -6.64
N THR A 226 27.62 9.02 -5.74
CA THR A 226 26.54 9.16 -4.77
C THR A 226 27.24 9.45 -3.47
N PHE A 227 26.62 10.30 -2.67
CA PHE A 227 27.32 10.92 -1.57
C PHE A 227 26.34 11.14 -0.43
N HIS A 228 26.65 10.58 0.74
CA HIS A 228 25.71 10.57 1.85
C HIS A 228 26.42 10.96 3.13
N THR A 229 25.71 11.75 3.93
CA THR A 229 26.29 12.26 5.17
C THR A 229 25.29 12.14 6.32
N ASP A 230 25.75 12.55 7.50
CA ASP A 230 24.96 12.49 8.70
C ASP A 230 25.38 13.64 9.60
N MET A 231 24.44 14.12 10.39
CA MET A 231 24.73 15.12 11.38
C MET A 231 25.53 14.48 12.56
N ALA A 232 25.53 13.15 12.66
CA ALA A 232 26.23 12.45 13.73
C ALA A 232 27.73 12.42 13.47
N VAL A 233 28.13 12.63 12.22
CA VAL A 233 29.55 12.83 11.92
C VAL A 233 29.90 14.33 11.99
N ALA A 234 30.82 14.68 12.90
CA ALA A 234 31.04 16.08 13.30
C ALA A 234 31.53 17.01 12.18
N LYS A 235 32.44 16.54 11.34
CA LYS A 235 32.95 17.33 10.22
C LYS A 235 33.39 16.41 9.11
N ASP A 236 32.87 16.66 7.93
CA ASP A 236 33.08 15.79 6.79
C ASP A 236 32.67 16.50 5.52
N GLY A 237 33.31 16.10 4.43
CA GLY A 237 33.14 16.73 3.16
C GLY A 237 34.29 16.33 2.28
N PHE A 238 34.21 16.73 1.02
CA PHE A 238 35.24 16.41 0.05
C PHE A 238 35.23 17.45 -1.04
N SER A 239 36.41 17.62 -1.64
CA SER A 239 36.57 18.50 -2.78
C SER A 239 37.34 17.79 -3.88
N ALA A 240 36.80 17.83 -5.09
CA ALA A 240 37.44 17.21 -6.26
C ALA A 240 37.34 18.15 -7.46
N ARG A 241 38.12 17.82 -8.49
CA ARG A 241 38.10 18.57 -9.73
C ARG A 241 37.83 17.57 -10.85
N TYR A 242 37.17 18.01 -11.90
CA TYR A 242 37.00 17.17 -13.08
C TYR A 242 37.39 17.95 -14.33
N TYR A 243 37.80 17.20 -15.35
CA TYR A 243 38.22 17.78 -16.61
C TYR A 243 37.63 16.93 -17.73
N LEU A 244 37.22 17.58 -18.82
CA LEU A 244 36.81 16.88 -20.03
C LEU A 244 37.84 17.15 -21.13
N VAL A 245 38.62 16.12 -21.46
CA VAL A 245 39.71 16.22 -22.41
C VAL A 245 39.29 15.56 -23.70
N HIS A 246 39.45 16.29 -24.80
CA HIS A 246 39.11 15.79 -26.12
C HIS A 246 40.10 14.69 -26.49
N GLN A 247 39.60 13.57 -27.00
CA GLN A 247 40.47 12.54 -27.61
C GLN A 247 40.28 12.54 -29.12
N GLU A 248 41.22 11.93 -29.81
CA GLU A 248 41.10 11.76 -31.25
C GLU A 248 41.46 10.33 -31.65
N PRO A 249 40.44 9.54 -32.04
CA PRO A 249 40.69 8.17 -32.44
C PRO A 249 41.43 8.10 -33.77
N LEU A 250 42.68 7.63 -33.74
CA LEU A 250 43.42 7.35 -34.97
C LEU A 250 42.97 6.00 -35.53
N GLU A 251 43.35 5.74 -36.78
CA GLU A 251 43.24 4.40 -37.36
C GLU A 251 44.60 3.75 -37.16
N ASN A 252 45.64 4.41 -37.67
CA ASN A 252 47.00 4.00 -37.39
C ASN A 252 47.22 4.08 -35.88
N PHE A 253 46.88 3.01 -35.18
CA PHE A 253 46.97 2.97 -33.71
C PHE A 253 47.03 1.54 -33.18
N GLN A 254 48.11 1.24 -32.46
CA GLN A 254 48.36 -0.10 -31.93
C GLN A 254 47.78 -0.17 -30.54
N CYS A 255 47.21 -1.31 -30.19
CA CYS A 255 46.61 -1.45 -28.87
C CYS A 255 47.60 -2.11 -27.97
N ASN A 256 48.68 -1.39 -27.70
CA ASN A 256 49.80 -1.92 -26.93
C ASN A 256 50.46 -0.91 -25.99
N VAL A 257 49.81 0.22 -25.75
CA VAL A 257 50.26 1.18 -24.74
C VAL A 257 50.26 0.57 -23.33
N PRO A 258 51.20 1.00 -22.47
CA PRO A 258 51.25 0.53 -21.10
C PRO A 258 50.13 1.15 -20.28
N LEU A 259 49.47 0.32 -19.49
CA LEU A 259 48.26 0.72 -18.78
C LEU A 259 48.57 1.42 -17.46
N GLY A 260 49.81 1.28 -16.98
CA GLY A 260 50.34 2.29 -16.07
C GLY A 260 50.89 1.89 -14.72
N MET A 261 51.48 0.72 -14.66
CA MET A 261 52.21 0.32 -13.49
C MET A 261 53.43 1.24 -13.34
N GLU A 262 54.26 1.37 -14.36
CA GLU A 262 55.48 2.19 -14.21
C GLU A 262 55.09 3.68 -14.09
N SER A 263 54.25 4.18 -15.00
CA SER A 263 53.85 5.59 -14.97
C SER A 263 53.10 5.97 -13.69
N GLY A 264 52.42 5.00 -13.08
CA GLY A 264 51.60 5.24 -11.89
C GLY A 264 50.14 5.53 -12.17
N ARG A 265 49.75 5.55 -13.44
CA ARG A 265 48.36 5.77 -13.79
C ARG A 265 47.47 4.71 -13.18
N ILE A 266 48.03 3.53 -12.93
CA ILE A 266 47.40 2.56 -12.02
C ILE A 266 47.84 2.92 -10.62
N ALA A 267 46.89 3.28 -9.75
CA ALA A 267 47.22 3.76 -8.40
C ALA A 267 47.56 2.59 -7.48
N ASN A 268 48.26 2.87 -6.38
CA ASN A 268 48.56 1.83 -5.40
C ASN A 268 47.28 1.14 -4.95
N GLU A 269 46.29 1.96 -4.63
CA GLU A 269 44.93 1.53 -4.36
C GLU A 269 44.45 0.36 -5.24
N GLN A 270 44.80 0.41 -6.52
CA GLN A 270 44.37 -0.58 -7.49
C GLN A 270 45.15 -1.89 -7.48
N ILE A 271 46.29 -1.91 -6.83
CA ILE A 271 47.17 -3.06 -6.84
C ILE A 271 46.99 -3.80 -5.52
N SER A 272 46.90 -5.12 -5.57
CA SER A 272 46.68 -5.95 -4.38
C SER A 272 47.22 -7.38 -4.59
N ALA A 273 47.13 -8.23 -3.57
CA ALA A 273 47.62 -9.59 -3.71
C ALA A 273 47.08 -10.53 -2.67
N SER A 274 47.22 -11.83 -2.93
CA SER A 274 46.76 -12.87 -2.03
C SER A 274 47.34 -12.64 -0.64
N SER A 275 48.64 -12.35 -0.60
CA SER A 275 49.34 -12.08 0.66
C SER A 275 50.58 -11.21 0.40
N THR A 276 51.46 -11.10 1.39
CA THR A 276 52.76 -10.50 1.17
C THR A 276 53.69 -10.95 2.30
N TYR A 277 54.99 -10.86 2.08
CA TYR A 277 55.99 -11.31 3.06
C TYR A 277 55.75 -10.64 4.44
N SER A 278 56.15 -11.32 5.50
CA SER A 278 55.89 -10.85 6.86
C SER A 278 56.57 -9.52 7.21
N ASP A 279 57.78 -9.31 6.70
CA ASP A 279 58.55 -8.09 7.00
C ASP A 279 57.95 -6.82 6.37
N GLY A 280 57.03 -7.00 5.41
CA GLY A 280 56.33 -5.89 4.76
C GLY A 280 57.21 -5.10 3.82
N ARG A 281 58.25 -5.75 3.32
CA ARG A 281 59.25 -5.11 2.45
C ARG A 281 59.18 -5.68 1.03
N TRP A 282 58.09 -6.38 0.73
CA TRP A 282 57.82 -6.88 -0.60
C TRP A 282 56.33 -6.74 -0.85
N THR A 283 55.81 -5.55 -0.57
CA THR A 283 54.39 -5.27 -0.73
C THR A 283 53.99 -5.30 -2.21
N PRO A 284 52.68 -5.42 -2.50
CA PRO A 284 52.16 -5.33 -3.86
C PRO A 284 52.52 -4.04 -4.61
N GLN A 285 52.61 -2.95 -3.86
CA GLN A 285 52.87 -1.62 -4.43
C GLN A 285 54.32 -1.46 -4.96
N GLN A 286 55.12 -2.50 -4.74
CA GLN A 286 56.48 -2.59 -5.23
C GLN A 286 56.57 -3.45 -6.50
N SER A 287 55.44 -3.93 -7.00
CA SER A 287 55.40 -4.74 -8.22
C SER A 287 55.51 -3.94 -9.51
N ARG A 288 55.64 -2.61 -9.41
CA ARG A 288 55.71 -1.75 -10.58
C ARG A 288 56.98 -2.05 -11.37
N LEU A 289 56.86 -2.14 -12.69
CA LEU A 289 57.98 -2.53 -13.54
C LEU A 289 59.09 -1.52 -13.31
N HIS A 290 60.31 -2.03 -13.21
CA HIS A 290 61.53 -1.23 -13.03
C HIS A 290 61.66 -0.51 -11.69
N GLY A 291 60.96 -1.00 -10.66
CA GLY A 291 61.08 -0.42 -9.32
C GLY A 291 62.40 -0.75 -8.67
N ASP A 292 63.08 0.25 -8.13
CA ASP A 292 64.40 0.03 -7.53
C ASP A 292 64.35 -0.53 -6.10
N ASP A 293 63.15 -0.73 -5.56
CA ASP A 293 62.97 -1.30 -4.22
C ASP A 293 62.30 -2.68 -4.27
N ASN A 294 63.12 -3.72 -4.14
CA ASN A 294 62.65 -5.12 -4.11
C ASN A 294 61.54 -5.44 -5.14
N GLY A 295 60.32 -5.72 -4.69
CA GLY A 295 59.24 -6.15 -5.59
C GLY A 295 58.09 -6.79 -4.85
N TRP A 296 57.25 -7.55 -5.54
CA TRP A 296 56.21 -8.32 -4.85
C TRP A 296 56.60 -9.77 -4.60
N THR A 297 56.50 -10.16 -3.34
CA THR A 297 56.62 -11.55 -2.94
C THR A 297 55.48 -11.83 -1.95
N PRO A 298 54.91 -13.05 -2.00
CA PRO A 298 53.87 -13.41 -1.03
C PRO A 298 54.41 -13.88 0.32
N ASN A 299 53.50 -14.23 1.22
CA ASN A 299 53.83 -14.71 2.57
C ASN A 299 54.37 -16.15 2.58
N LEU A 300 53.91 -16.94 1.62
CA LEU A 300 54.50 -18.24 1.29
C LEU A 300 54.88 -18.20 -0.18
N ASP A 301 55.47 -19.27 -0.69
CA ASP A 301 55.70 -19.42 -2.12
C ASP A 301 54.96 -20.67 -2.58
N SER A 302 53.86 -20.49 -3.29
CA SER A 302 53.07 -21.62 -3.80
C SER A 302 52.30 -21.17 -5.02
N ASN A 303 51.83 -22.12 -5.82
CA ASN A 303 51.07 -21.78 -7.02
C ASN A 303 49.65 -21.31 -6.71
N LYS A 304 49.31 -21.26 -5.42
CA LYS A 304 48.02 -20.73 -4.97
C LYS A 304 48.14 -19.26 -4.55
N GLU A 305 48.88 -18.48 -5.34
CA GLU A 305 49.19 -17.10 -4.98
C GLU A 305 49.16 -16.24 -6.24
N TYR A 306 48.92 -14.95 -6.05
CA TYR A 306 48.62 -14.08 -7.17
C TYR A 306 48.82 -12.58 -6.90
N LEU A 307 49.21 -11.85 -7.94
CA LEU A 307 49.23 -10.40 -7.86
C LEU A 307 48.02 -9.89 -8.62
N GLN A 308 47.21 -9.04 -7.97
CA GLN A 308 45.98 -8.53 -8.57
C GLN A 308 46.05 -7.04 -8.94
N VAL A 309 45.64 -6.71 -10.16
CA VAL A 309 45.51 -5.31 -10.52
C VAL A 309 44.09 -5.03 -10.96
N ASP A 310 43.46 -4.03 -10.37
CA ASP A 310 42.14 -3.59 -10.80
C ASP A 310 42.25 -2.39 -11.71
N LEU A 311 41.95 -2.61 -12.99
CA LEU A 311 42.03 -1.54 -13.97
C LEU A 311 40.86 -0.59 -13.87
N ARG A 312 39.89 -0.91 -13.02
CA ARG A 312 38.73 -0.05 -12.73
C ARG A 312 37.68 -0.07 -13.83
N PHE A 313 38.06 0.28 -15.05
CA PHE A 313 37.14 0.26 -16.18
C PHE A 313 37.42 -0.88 -17.11
N LEU A 314 36.43 -1.25 -17.90
CA LEU A 314 36.60 -2.37 -18.83
C LEU A 314 37.70 -2.06 -19.87
N THR A 315 38.82 -2.75 -19.74
CA THR A 315 40.01 -2.45 -20.51
C THR A 315 40.41 -3.61 -21.44
N MET A 316 41.13 -3.30 -22.49
CA MET A 316 41.67 -4.31 -23.38
C MET A 316 43.11 -4.62 -23.00
N LEU A 317 43.39 -5.87 -22.67
CA LEU A 317 44.74 -6.31 -22.35
C LEU A 317 45.40 -7.05 -23.53
N THR A 318 46.59 -6.61 -23.96
CA THR A 318 47.25 -7.24 -25.09
C THR A 318 48.65 -7.78 -24.83
N ALA A 319 49.32 -7.33 -23.76
CA ALA A 319 50.61 -7.89 -23.42
C ALA A 319 50.95 -7.75 -21.93
N ILE A 320 51.75 -8.71 -21.46
CA ILE A 320 52.27 -8.71 -20.11
C ILE A 320 53.81 -8.74 -20.17
N ALA A 321 54.44 -7.89 -19.37
CA ALA A 321 55.90 -7.87 -19.26
C ALA A 321 56.29 -7.98 -17.80
N THR A 322 57.17 -8.93 -17.49
CA THR A 322 57.51 -9.23 -16.10
C THR A 322 59.03 -9.28 -15.91
N GLN A 323 59.48 -9.00 -14.68
CA GLN A 323 60.86 -9.25 -14.29
C GLN A 323 60.90 -9.92 -12.93
N GLY A 324 62.12 -10.19 -12.47
CA GLY A 324 62.34 -10.66 -11.10
C GLY A 324 62.61 -9.50 -10.15
N ALA A 325 63.58 -9.68 -9.25
CA ALA A 325 63.86 -8.68 -8.24
C ALA A 325 65.10 -9.09 -7.45
N ILE A 326 65.95 -8.12 -7.14
CA ILE A 326 67.14 -8.35 -6.29
C ILE A 326 66.87 -7.80 -4.89
N SER A 327 66.98 -8.66 -3.88
CA SER A 327 66.78 -8.26 -2.48
C SER A 327 67.73 -7.13 -2.13
N ARG A 328 67.15 -5.93 -1.99
CA ARG A 328 67.93 -4.70 -1.76
C ARG A 328 68.70 -4.74 -0.44
N GLU A 329 68.23 -5.55 0.50
CA GLU A 329 68.83 -5.68 1.81
C GLU A 329 69.79 -6.87 1.90
N THR A 330 69.78 -7.78 0.92
CA THR A 330 70.66 -8.95 0.93
C THR A 330 71.31 -9.33 -0.42
N GLN A 331 70.94 -8.62 -1.49
CA GLN A 331 71.46 -8.84 -2.86
C GLN A 331 71.17 -10.21 -3.48
N ASN A 332 70.23 -10.96 -2.92
CA ASN A 332 69.79 -12.22 -3.51
C ASN A 332 68.93 -11.96 -4.73
N GLY A 333 68.85 -12.95 -5.62
CA GLY A 333 68.07 -12.83 -6.85
C GLY A 333 66.90 -13.80 -6.90
N TYR A 334 65.69 -13.28 -6.68
CA TYR A 334 64.44 -14.05 -6.79
C TYR A 334 63.75 -13.65 -8.09
N TYR A 335 63.04 -14.61 -8.71
CA TYR A 335 62.28 -14.35 -9.93
C TYR A 335 61.34 -15.50 -10.31
N VAL A 336 60.20 -15.15 -10.95
CA VAL A 336 59.23 -16.12 -11.46
C VAL A 336 59.69 -16.67 -12.80
N LYS A 337 59.52 -17.97 -13.01
CA LYS A 337 59.90 -18.63 -14.27
C LYS A 337 58.72 -18.90 -15.20
N SER A 338 57.51 -19.02 -14.63
CA SER A 338 56.32 -19.23 -15.43
C SER A 338 55.07 -18.85 -14.65
N TYR A 339 54.00 -18.53 -15.37
CA TYR A 339 52.77 -18.10 -14.73
C TYR A 339 51.53 -18.26 -15.59
N LYS A 340 50.38 -18.29 -14.92
CA LYS A 340 49.08 -18.32 -15.58
C LYS A 340 48.43 -16.96 -15.39
N LEU A 341 47.46 -16.63 -16.24
CA LEU A 341 46.79 -15.33 -16.20
C LEU A 341 45.35 -15.57 -15.86
N GLU A 342 44.78 -14.73 -15.00
CA GLU A 342 43.42 -14.95 -14.51
C GLU A 342 42.67 -13.61 -14.47
N VAL A 343 41.51 -13.56 -15.12
CA VAL A 343 40.86 -12.29 -15.44
C VAL A 343 39.40 -12.34 -15.11
N SER A 344 38.83 -11.17 -14.81
CA SER A 344 37.43 -11.06 -14.42
C SER A 344 36.90 -9.68 -14.69
N THR A 345 35.62 -9.58 -14.99
CA THR A 345 34.99 -8.28 -15.25
C THR A 345 34.53 -7.57 -13.95
N ASN A 346 34.43 -8.34 -12.87
CA ASN A 346 33.85 -7.86 -11.61
C ASN A 346 34.61 -8.29 -10.37
N GLY A 347 35.72 -9.00 -10.56
CA GLY A 347 36.58 -9.41 -9.46
C GLY A 347 36.03 -10.55 -8.66
N GLU A 348 34.92 -11.11 -9.09
CA GLU A 348 34.28 -12.21 -8.38
C GLU A 348 34.26 -13.49 -9.24
N ASP A 349 33.97 -13.34 -10.53
CA ASP A 349 33.89 -14.45 -11.46
C ASP A 349 35.15 -14.45 -12.29
N TRP A 350 35.90 -15.55 -12.28
CA TRP A 350 37.25 -15.55 -12.86
C TRP A 350 37.46 -16.53 -13.99
N MET A 351 38.32 -16.16 -14.93
CA MET A 351 38.67 -17.04 -16.04
C MET A 351 40.17 -17.18 -16.08
N VAL A 352 40.67 -18.41 -16.16
CA VAL A 352 42.10 -18.65 -16.43
C VAL A 352 42.32 -18.68 -17.93
N TYR A 353 43.18 -17.80 -18.42
CA TYR A 353 43.45 -17.70 -19.85
C TYR A 353 43.83 -19.06 -20.43
N ARG A 354 43.23 -19.40 -21.57
CA ARG A 354 43.46 -20.68 -22.23
C ARG A 354 44.31 -20.49 -23.47
N HIS A 355 45.02 -21.53 -23.89
CA HIS A 355 45.58 -21.62 -25.24
C HIS A 355 45.25 -23.04 -25.68
N GLY A 356 44.41 -23.18 -26.68
CA GLY A 356 43.84 -24.48 -27.02
C GLY A 356 43.01 -24.98 -25.86
N LYS A 357 43.00 -26.30 -25.66
CA LYS A 357 42.18 -26.91 -24.62
C LYS A 357 42.54 -26.41 -23.21
N ASN A 358 43.73 -26.78 -22.74
CA ASN A 358 44.16 -26.51 -21.36
C ASN A 358 44.66 -25.08 -21.15
N HIS A 359 45.02 -24.75 -19.91
CA HIS A 359 45.50 -23.41 -19.54
C HIS A 359 46.71 -22.95 -20.36
N LYS A 360 47.05 -21.67 -20.20
CA LYS A 360 48.22 -21.10 -20.83
C LYS A 360 49.27 -20.84 -19.76
N VAL A 361 50.36 -21.60 -19.82
CA VAL A 361 51.56 -21.35 -19.00
C VAL A 361 52.43 -20.34 -19.75
N PHE A 362 52.68 -19.19 -19.13
CA PHE A 362 53.53 -18.18 -19.74
C PHE A 362 54.98 -18.38 -19.33
N GLN A 363 55.87 -18.47 -20.30
CA GLN A 363 57.29 -18.51 -19.99
C GLN A 363 57.75 -17.12 -19.60
N ALA A 364 58.15 -16.95 -18.34
CA ALA A 364 58.54 -15.65 -17.80
C ALA A 364 60.05 -15.45 -17.87
N ASN A 365 60.67 -15.30 -16.70
CA ASN A 365 62.04 -14.83 -16.60
C ASN A 365 63.11 -15.93 -16.51
N ASN A 366 64.36 -15.53 -16.75
CA ASN A 366 65.53 -16.36 -16.48
C ASN A 366 66.41 -15.77 -15.39
N ASP A 367 66.08 -14.57 -14.91
CA ASP A 367 66.87 -13.87 -13.89
C ASP A 367 66.10 -12.73 -13.27
N ALA A 368 66.69 -12.08 -12.26
CA ALA A 368 66.06 -10.96 -11.57
C ALA A 368 65.91 -9.69 -12.43
N THR A 369 66.99 -9.21 -13.04
CA THR A 369 66.99 -7.89 -13.70
C THR A 369 66.23 -7.82 -15.04
N GLU A 370 66.57 -8.67 -16.01
CA GLU A 370 66.04 -8.55 -17.39
C GLU A 370 64.52 -8.66 -17.48
N VAL A 371 63.96 -8.02 -18.51
CA VAL A 371 62.50 -7.94 -18.73
C VAL A 371 62.06 -8.96 -19.78
N VAL A 372 60.92 -9.60 -19.55
CA VAL A 372 60.37 -10.55 -20.51
C VAL A 372 58.95 -10.12 -20.92
N LEU A 373 58.74 -9.99 -22.22
CA LEU A 373 57.44 -9.59 -22.78
C LEU A 373 56.67 -10.82 -23.29
N ASN A 374 55.35 -10.79 -23.13
CA ASN A 374 54.49 -11.84 -23.68
C ASN A 374 53.22 -11.19 -24.25
N LYS A 375 53.08 -11.20 -25.58
CA LYS A 375 51.90 -10.59 -26.21
C LYS A 375 50.80 -11.64 -26.30
N LEU A 376 49.59 -11.33 -25.85
CA LEU A 376 48.52 -12.30 -25.94
C LEU A 376 48.15 -12.55 -27.39
N HIS A 377 48.37 -13.79 -27.80
CA HIS A 377 47.62 -14.51 -28.85
C HIS A 377 46.55 -13.65 -29.53
N ALA A 378 45.54 -13.26 -28.77
CA ALA A 378 44.63 -12.17 -29.15
C ALA A 378 44.17 -11.36 -27.90
N PRO A 379 43.85 -10.06 -28.10
CA PRO A 379 43.47 -9.15 -27.00
C PRO A 379 42.30 -9.65 -26.20
N LEU A 380 42.33 -9.35 -24.90
CA LEU A 380 41.44 -9.92 -23.92
C LEU A 380 40.79 -8.79 -23.19
N LEU A 381 39.46 -8.80 -23.12
CA LEU A 381 38.68 -7.68 -22.55
C LEU A 381 38.36 -7.96 -21.08
N THR A 382 38.88 -7.14 -20.18
CA THR A 382 38.70 -7.40 -18.77
C THR A 382 38.83 -6.14 -17.92
N ARG A 383 38.75 -6.33 -16.60
CA ARG A 383 38.95 -5.27 -15.66
C ARG A 383 39.97 -5.66 -14.61
N PHE A 384 39.78 -6.82 -13.99
CA PHE A 384 40.69 -7.29 -12.98
C PHE A 384 41.63 -8.32 -13.58
N VAL A 385 42.91 -8.15 -13.29
CA VAL A 385 43.95 -9.05 -13.77
C VAL A 385 44.73 -9.66 -12.61
N ARG A 386 44.94 -10.97 -12.71
CA ARG A 386 45.79 -11.69 -11.79
C ARG A 386 46.87 -12.45 -12.55
N ILE A 387 48.12 -12.19 -12.16
CA ILE A 387 49.23 -13.04 -12.54
C ILE A 387 49.40 -14.09 -11.45
N ARG A 388 49.64 -15.33 -11.88
CA ARG A 388 49.76 -16.47 -10.98
C ARG A 388 51.02 -17.27 -11.24
N PRO A 389 52.06 -17.07 -10.41
CA PRO A 389 53.32 -17.81 -10.57
C PRO A 389 53.12 -19.31 -10.49
N GLN A 390 53.84 -20.06 -11.33
CA GLN A 390 53.76 -21.52 -11.36
C GLN A 390 55.09 -22.16 -10.98
N THR A 391 56.15 -21.72 -11.63
CA THR A 391 57.51 -22.07 -11.22
C THR A 391 58.34 -20.79 -11.03
N TRP A 392 59.42 -20.90 -10.28
CA TRP A 392 60.25 -19.74 -9.91
C TRP A 392 61.69 -20.18 -9.54
N HIS A 393 62.61 -19.23 -9.47
CA HIS A 393 63.96 -19.48 -8.95
C HIS A 393 64.02 -18.92 -7.54
N SER A 394 64.47 -19.75 -6.60
CA SER A 394 64.65 -19.36 -5.19
C SER A 394 63.32 -19.02 -4.49
N GLY A 395 62.67 -17.93 -4.91
CA GLY A 395 61.35 -17.55 -4.39
C GLY A 395 60.51 -16.85 -5.44
N ILE A 396 59.33 -16.39 -5.04
CA ILE A 396 58.41 -15.69 -5.96
C ILE A 396 58.61 -14.15 -5.89
N ALA A 397 59.42 -13.63 -6.81
CA ALA A 397 59.58 -12.19 -6.98
C ALA A 397 58.88 -11.76 -8.27
N LEU A 398 58.32 -10.56 -8.27
CA LEU A 398 57.50 -10.10 -9.40
C LEU A 398 57.48 -8.59 -9.59
N ARG A 399 57.85 -8.18 -10.80
CA ARG A 399 57.60 -6.83 -11.29
C ARG A 399 56.89 -6.97 -12.62
N LEU A 400 56.09 -5.97 -12.96
CA LEU A 400 55.00 -6.18 -13.89
C LEU A 400 54.63 -4.90 -14.59
N GLU A 401 54.39 -5.01 -15.89
CA GLU A 401 53.63 -4.00 -16.60
C GLU A 401 52.53 -4.72 -17.37
N LEU A 402 51.40 -4.03 -17.49
CA LEU A 402 50.30 -4.45 -18.33
C LEU A 402 50.18 -3.48 -19.48
N PHE A 403 49.92 -4.04 -20.67
CA PHE A 403 49.80 -3.27 -21.91
C PHE A 403 48.46 -3.52 -22.59
N GLY A 404 47.94 -2.49 -23.23
CA GLY A 404 46.72 -2.61 -23.98
C GLY A 404 46.21 -1.25 -24.38
N CYS A 405 44.90 -1.06 -24.25
CA CYS A 405 44.25 0.20 -24.61
C CYS A 405 42.77 0.14 -24.33
N ARG A 406 42.06 1.23 -24.62
CA ARG A 406 40.64 1.33 -24.34
C ARG A 406 39.84 0.82 -25.53
N VAL A 407 38.77 0.08 -25.27
CA VAL A 407 37.87 -0.34 -26.36
C VAL A 407 37.37 0.87 -27.19
N THR A 408 37.34 2.01 -26.54
CA THR A 408 36.97 3.26 -27.14
C THR A 408 38.03 3.89 -28.07
N ASP A 409 39.21 3.30 -28.16
CA ASP A 409 40.31 3.91 -28.93
C ASP A 409 40.21 3.56 -30.40
N ALA A 410 39.43 2.53 -30.70
CA ALA A 410 38.98 2.29 -32.07
C ALA A 410 38.16 3.48 -32.52
N PRO A 411 38.06 3.72 -33.82
CA PRO A 411 37.23 4.82 -34.27
C PRO A 411 35.78 4.36 -34.33
N CYS A 412 34.86 5.28 -34.02
CA CYS A 412 33.44 4.99 -33.85
C CYS A 412 33.28 3.66 -33.13
N SER A 413 33.63 3.65 -31.85
CA SER A 413 33.54 2.44 -31.05
C SER A 413 33.10 2.69 -29.61
N ASN A 414 32.28 3.71 -29.39
CA ASN A 414 31.72 4.02 -28.09
C ASN A 414 30.79 2.92 -27.61
N MET A 415 30.83 2.65 -26.32
CA MET A 415 29.80 1.82 -25.72
C MET A 415 28.51 2.65 -25.66
N LEU A 416 27.41 2.09 -26.14
CA LEU A 416 26.23 2.91 -26.45
C LEU A 416 25.18 2.99 -25.36
N GLY A 417 25.41 2.36 -24.21
CA GLY A 417 24.55 2.58 -23.04
C GLY A 417 24.13 1.39 -22.19
N MET A 418 24.25 0.17 -22.71
CA MET A 418 23.85 -1.01 -21.94
C MET A 418 24.61 -1.10 -20.61
N LEU A 419 25.92 -0.88 -20.66
CA LEU A 419 26.73 -0.99 -19.45
C LEU A 419 26.46 0.18 -18.50
N SER A 420 26.45 1.41 -19.00
CA SER A 420 26.27 2.59 -18.15
C SER A 420 24.85 2.74 -17.61
N GLY A 421 23.86 2.62 -18.47
CA GLY A 421 22.48 2.93 -18.10
C GLY A 421 21.93 4.07 -18.92
N LEU A 422 22.68 4.54 -19.89
CA LEU A 422 22.19 5.58 -20.78
C LEU A 422 21.18 5.00 -21.76
N ILE A 423 21.26 3.70 -22.04
CA ILE A 423 20.12 2.94 -22.60
C ILE A 423 19.24 2.52 -21.43
N ALA A 424 17.98 2.95 -21.42
CA ALA A 424 17.08 2.69 -20.30
C ALA A 424 16.54 1.25 -20.36
N ASP A 425 15.98 0.78 -19.25
CA ASP A 425 15.34 -0.53 -19.21
C ASP A 425 14.28 -0.63 -20.31
N SER A 426 13.53 0.46 -20.49
CA SER A 426 12.46 0.54 -21.50
C SER A 426 12.92 0.30 -22.94
N GLN A 427 14.19 0.53 -23.22
CA GLN A 427 14.73 0.29 -24.56
C GLN A 427 15.29 -1.13 -24.75
N ILE A 428 15.20 -1.96 -23.71
CA ILE A 428 15.76 -3.33 -23.75
C ILE A 428 14.68 -4.40 -23.76
N SER A 429 14.49 -5.06 -24.90
CA SER A 429 13.41 -6.05 -25.07
C SER A 429 13.96 -7.42 -25.50
N ALA A 430 13.15 -8.47 -25.32
CA ALA A 430 13.54 -9.84 -25.70
C ALA A 430 12.37 -10.71 -26.21
N SER A 431 12.72 -11.73 -27.01
CA SER A 431 11.72 -12.64 -27.60
C SER A 431 10.92 -13.35 -26.50
N SER A 432 11.60 -14.16 -25.69
CA SER A 432 11.05 -14.64 -24.43
C SER A 432 11.95 -14.19 -23.26
N THR A 433 11.57 -14.55 -22.05
CA THR A 433 12.34 -14.33 -20.83
C THR A 433 11.86 -15.39 -19.85
N GLN A 434 12.72 -15.91 -18.99
CA GLN A 434 12.33 -17.10 -18.21
C GLN A 434 11.42 -16.77 -17.04
N GLU A 435 11.68 -15.65 -16.36
CA GLU A 435 10.82 -15.19 -15.27
C GLU A 435 9.60 -14.48 -15.87
N TYR A 436 8.42 -14.75 -15.30
CA TYR A 436 7.19 -14.04 -15.69
C TYR A 436 7.49 -12.55 -15.91
N LEU A 437 7.97 -11.90 -14.86
CA LEU A 437 8.18 -10.45 -14.81
C LEU A 437 9.68 -10.23 -14.71
N TRP A 438 10.28 -9.69 -15.76
CA TRP A 438 11.72 -9.81 -15.97
C TRP A 438 12.39 -8.45 -16.01
N SER A 439 13.28 -8.19 -15.07
CA SER A 439 14.06 -6.96 -15.08
C SER A 439 14.87 -6.87 -16.39
N PRO A 440 14.60 -5.87 -17.24
CA PRO A 440 15.39 -5.65 -18.45
C PRO A 440 16.86 -5.38 -18.21
N SER A 441 17.20 -4.82 -17.05
CA SER A 441 18.61 -4.56 -16.73
C SER A 441 19.39 -5.83 -16.54
N ALA A 442 18.71 -6.97 -16.43
CA ALA A 442 19.40 -8.23 -16.35
C ALA A 442 20.26 -8.50 -17.57
N ALA A 443 20.00 -7.85 -18.70
CA ALA A 443 20.76 -8.10 -19.95
C ALA A 443 22.03 -7.26 -20.16
N ARG A 444 22.40 -6.44 -19.17
CA ARG A 444 23.48 -5.47 -19.35
C ARG A 444 24.87 -6.10 -19.23
N LEU A 445 25.71 -5.92 -20.24
CA LEU A 445 27.12 -6.30 -20.16
C LEU A 445 27.73 -5.91 -18.80
N VAL A 446 28.44 -6.86 -18.23
CA VAL A 446 29.25 -6.67 -17.00
C VAL A 446 28.47 -6.31 -15.73
N SER A 447 27.57 -5.33 -15.83
CA SER A 447 26.90 -4.76 -14.66
C SER A 447 25.73 -5.60 -14.17
N SER A 448 24.96 -6.17 -15.08
CA SER A 448 23.90 -7.07 -14.71
C SER A 448 24.41 -8.17 -13.81
N ARG A 449 23.67 -8.39 -12.72
CA ARG A 449 24.02 -9.37 -11.70
C ARG A 449 23.90 -10.81 -12.19
N SER A 450 23.13 -11.06 -13.26
CA SER A 450 22.87 -12.44 -13.76
C SER A 450 22.94 -12.63 -15.29
N GLY A 451 21.95 -12.13 -16.02
CA GLY A 451 21.98 -12.24 -17.48
C GLY A 451 20.61 -12.50 -18.09
N TRP A 452 20.52 -12.38 -19.41
CA TRP A 452 19.28 -12.72 -20.08
C TRP A 452 19.18 -14.21 -20.37
N PHE A 453 18.16 -14.85 -19.78
CA PHE A 453 17.81 -16.23 -20.10
C PHE A 453 16.41 -16.27 -20.70
N PRO A 454 16.22 -17.03 -21.80
CA PRO A 454 14.86 -17.20 -22.33
C PRO A 454 14.03 -18.23 -21.53
N ARG A 455 12.77 -18.40 -21.90
CA ARG A 455 11.82 -19.13 -21.05
C ARG A 455 12.14 -20.62 -20.92
N ILE A 456 12.31 -21.29 -22.05
CA ILE A 456 13.02 -22.57 -22.07
C ILE A 456 14.39 -22.17 -22.61
N PRO A 457 15.44 -22.21 -21.75
CA PRO A 457 16.73 -21.68 -22.20
C PRO A 457 17.48 -22.59 -23.19
N GLN A 458 16.92 -23.75 -23.46
CA GLN A 458 17.36 -24.61 -24.54
C GLN A 458 16.31 -24.49 -25.66
N ALA A 459 16.43 -23.43 -26.46
CA ALA A 459 15.41 -23.12 -27.48
C ALA A 459 15.85 -23.61 -28.86
N GLN A 460 14.99 -23.50 -29.88
CA GLN A 460 15.38 -23.80 -31.27
C GLN A 460 16.03 -22.56 -31.91
N PRO A 461 17.19 -22.74 -32.59
CA PRO A 461 17.97 -21.58 -33.04
C PRO A 461 17.21 -20.60 -33.93
N GLY A 462 17.56 -19.32 -33.85
CA GLY A 462 16.85 -18.25 -34.56
C GLY A 462 15.46 -17.92 -34.02
N GLU A 463 15.00 -18.67 -33.01
CA GLU A 463 13.69 -18.44 -32.44
C GLU A 463 13.77 -17.34 -31.36
N GLU A 464 14.83 -17.34 -30.55
CA GLU A 464 15.00 -16.36 -29.46
C GLU A 464 15.94 -15.23 -29.88
N TRP A 465 15.77 -14.08 -29.23
CA TRP A 465 16.59 -12.89 -29.49
C TRP A 465 16.49 -11.88 -28.38
N LEU A 466 17.56 -11.10 -28.21
CA LEU A 466 17.57 -9.90 -27.37
C LEU A 466 17.70 -8.67 -28.27
N GLN A 467 17.03 -7.58 -27.91
CA GLN A 467 16.94 -6.40 -28.76
C GLN A 467 17.24 -5.13 -27.98
N VAL A 468 17.96 -4.20 -28.61
CA VAL A 468 18.31 -2.93 -28.00
C VAL A 468 17.80 -1.79 -28.88
N ASP A 469 16.96 -0.94 -28.29
CA ASP A 469 16.49 0.27 -28.96
C ASP A 469 17.45 1.38 -28.54
N LEU A 470 18.34 1.78 -29.45
CA LEU A 470 19.28 2.87 -29.17
C LEU A 470 18.56 4.23 -29.05
N GLY A 471 17.35 4.35 -29.61
CA GLY A 471 16.54 5.52 -29.36
C GLY A 471 16.56 6.58 -30.45
N THR A 472 17.65 6.63 -31.20
CA THR A 472 17.71 7.45 -32.42
C THR A 472 18.64 6.73 -33.37
N PRO A 473 18.60 7.08 -34.67
CA PRO A 473 19.38 6.30 -35.63
C PRO A 473 20.86 6.60 -35.48
N LYS A 474 21.65 5.57 -35.20
CA LYS A 474 23.07 5.67 -34.94
C LYS A 474 23.83 4.88 -36.00
N THR A 475 25.15 5.08 -36.07
CA THR A 475 26.05 4.19 -36.81
C THR A 475 26.49 3.14 -35.83
N VAL A 476 26.14 1.89 -36.08
CA VAL A 476 26.47 0.78 -35.20
C VAL A 476 27.64 0.02 -35.83
N LYS A 477 28.66 -0.28 -35.03
CA LYS A 477 29.87 -0.86 -35.57
C LYS A 477 30.30 -2.16 -34.86
N GLY A 478 29.63 -2.52 -33.79
CA GLY A 478 29.94 -3.78 -33.16
C GLY A 478 29.03 -4.10 -32.00
N VAL A 479 29.23 -5.28 -31.45
CA VAL A 479 28.57 -5.68 -30.22
C VAL A 479 29.63 -6.23 -29.33
N ILE A 480 29.43 -6.11 -28.03
CA ILE A 480 30.19 -6.89 -27.05
C ILE A 480 29.23 -7.92 -26.43
N ILE A 481 29.65 -9.19 -26.43
CA ILE A 481 28.79 -10.26 -25.93
C ILE A 481 29.45 -10.97 -24.76
N GLN A 482 28.61 -11.35 -23.80
CA GLN A 482 29.05 -11.93 -22.54
C GLN A 482 28.07 -13.06 -22.13
N GLY A 483 28.57 -14.01 -21.36
CA GLY A 483 27.73 -15.08 -20.81
C GLY A 483 26.87 -14.58 -19.67
N ALA A 484 26.27 -15.50 -18.93
CA ALA A 484 25.36 -15.17 -17.83
C ALA A 484 25.81 -15.78 -16.52
N ARG A 485 25.72 -14.99 -15.47
CA ARG A 485 26.29 -15.30 -14.16
C ARG A 485 25.43 -16.27 -13.37
N GLY A 486 24.12 -15.99 -13.26
CA GLY A 486 23.22 -16.75 -12.39
C GLY A 486 22.12 -17.48 -13.14
N ALA A 495 26.53 -25.54 -15.01
CA ALA A 495 25.21 -25.00 -15.30
C ALA A 495 25.29 -23.48 -15.40
N ARG A 496 26.19 -23.00 -16.26
CA ARG A 496 26.44 -21.58 -16.50
C ARG A 496 26.37 -21.24 -17.97
N ALA A 497 25.29 -20.59 -18.37
CA ALA A 497 25.00 -20.41 -19.77
C ALA A 497 25.87 -19.35 -20.39
N PHE A 498 26.31 -19.59 -21.62
CA PHE A 498 26.80 -18.54 -22.51
C PHE A 498 26.50 -18.92 -23.96
N VAL A 499 26.52 -17.91 -24.83
CA VAL A 499 26.18 -18.09 -26.23
C VAL A 499 27.46 -18.36 -27.01
N ARG A 500 27.49 -19.45 -27.76
CA ARG A 500 28.71 -19.87 -28.46
C ARG A 500 28.77 -19.30 -29.86
N LYS A 501 27.62 -19.13 -30.50
CA LYS A 501 27.57 -18.51 -31.83
C LYS A 501 26.27 -17.74 -32.02
N PHE A 502 26.33 -16.63 -32.74
CA PHE A 502 25.13 -15.82 -32.95
C PHE A 502 25.10 -15.03 -34.25
N LYS A 503 23.91 -14.51 -34.55
CA LYS A 503 23.69 -13.62 -35.69
C LYS A 503 23.11 -12.29 -35.18
N VAL A 504 23.19 -11.28 -36.02
CA VAL A 504 22.77 -9.95 -35.66
C VAL A 504 21.90 -9.43 -36.79
N SER A 505 20.74 -8.88 -36.44
CA SER A 505 19.97 -8.12 -37.41
C SER A 505 19.82 -6.70 -36.90
N TYR A 506 19.57 -5.79 -37.83
CA TYR A 506 19.40 -4.39 -37.48
C TYR A 506 18.19 -3.84 -38.22
N SER A 507 17.70 -2.69 -37.77
CA SER A 507 16.55 -2.03 -38.35
C SER A 507 16.52 -0.55 -37.95
N LEU A 508 15.98 0.29 -38.84
CA LEU A 508 15.70 1.69 -38.54
C LEU A 508 14.26 1.86 -38.07
N ASN A 509 13.32 1.12 -38.66
CA ASN A 509 11.88 1.28 -38.41
C ASN A 509 11.39 0.62 -37.13
N GLY A 510 12.20 -0.32 -36.62
CA GLY A 510 11.74 -1.25 -35.57
C GLY A 510 10.89 -2.36 -36.17
N LYS A 511 10.74 -2.35 -37.49
CA LYS A 511 9.77 -3.19 -38.20
C LYS A 511 10.32 -3.84 -39.48
N ASP A 512 11.29 -3.20 -40.14
CA ASP A 512 11.99 -3.78 -41.31
C ASP A 512 13.43 -4.12 -40.97
N TRP A 513 13.78 -5.41 -40.98
CA TRP A 513 15.02 -5.94 -40.41
C TRP A 513 15.94 -6.64 -41.40
N GLU A 514 17.21 -6.23 -41.40
CA GLU A 514 18.25 -6.86 -42.22
C GLU A 514 19.28 -7.57 -41.33
N TYR A 515 19.52 -8.85 -41.61
CA TYR A 515 20.63 -9.59 -40.99
C TYR A 515 21.97 -9.11 -41.56
N ILE A 516 22.99 -9.04 -40.71
CA ILE A 516 24.34 -8.65 -41.14
C ILE A 516 24.88 -9.80 -41.95
N GLN A 517 25.18 -9.53 -43.22
CA GLN A 517 25.49 -10.58 -44.16
C GLN A 517 26.98 -10.91 -44.19
N ASP A 518 27.30 -12.11 -44.66
CA ASP A 518 28.69 -12.57 -44.79
C ASP A 518 28.99 -12.76 -46.28
N PRO A 519 30.02 -12.07 -46.78
CA PRO A 519 30.20 -12.03 -48.22
C PRO A 519 30.73 -13.34 -48.80
N ARG A 520 31.56 -14.03 -48.00
CA ARG A 520 32.16 -15.30 -48.43
C ARG A 520 31.07 -16.31 -48.72
N THR A 521 30.16 -16.43 -47.75
CA THR A 521 29.14 -17.45 -47.71
C THR A 521 27.81 -17.01 -48.34
N GLN A 522 27.54 -15.71 -48.29
CA GLN A 522 26.34 -15.09 -48.91
C GLN A 522 25.12 -15.52 -48.14
N GLN A 523 25.12 -15.13 -46.88
CA GLN A 523 24.41 -15.87 -45.87
C GLN A 523 24.56 -15.06 -44.62
N PRO A 524 23.51 -15.01 -43.79
CA PRO A 524 23.63 -14.28 -42.55
C PRO A 524 24.96 -14.65 -41.88
N LYS A 525 25.72 -13.64 -41.46
CA LYS A 525 26.98 -13.91 -40.82
C LYS A 525 26.73 -14.53 -39.47
N LEU A 526 27.52 -15.55 -39.15
CA LEU A 526 27.49 -16.24 -37.87
C LEU A 526 28.72 -15.84 -37.01
N PHE A 527 28.49 -14.97 -36.03
CA PHE A 527 29.55 -14.50 -35.15
C PHE A 527 29.95 -15.53 -34.09
N GLU A 528 31.23 -15.57 -33.76
CA GLU A 528 31.71 -16.33 -32.59
C GLU A 528 31.26 -15.63 -31.31
N GLY A 529 30.90 -16.43 -30.32
CA GLY A 529 30.49 -15.90 -29.02
C GLY A 529 31.58 -16.07 -27.97
N ASN A 530 31.15 -16.39 -26.76
CA ASN A 530 32.05 -16.47 -25.63
C ASN A 530 32.60 -17.90 -25.44
N MET A 531 33.68 -18.04 -24.70
CA MET A 531 34.17 -19.34 -24.28
C MET A 531 34.02 -19.43 -22.78
N HIS A 532 33.33 -18.45 -22.20
CA HIS A 532 33.28 -18.25 -20.77
C HIS A 532 32.08 -17.39 -20.37
N TYR A 533 31.53 -17.70 -19.20
CA TYR A 533 30.34 -17.02 -18.75
C TYR A 533 30.59 -15.56 -18.35
N ASP A 534 31.83 -15.23 -18.00
CA ASP A 534 32.17 -13.87 -17.59
C ASP A 534 32.94 -13.08 -18.64
N THR A 535 34.06 -13.64 -19.11
CA THR A 535 34.98 -12.90 -19.98
C THR A 535 34.33 -12.66 -21.34
N PRO A 536 34.02 -11.39 -21.63
CA PRO A 536 33.31 -10.97 -22.81
C PRO A 536 34.17 -10.89 -24.04
N ASP A 537 33.52 -10.82 -25.21
CA ASP A 537 34.23 -10.75 -26.52
C ASP A 537 33.63 -9.62 -27.41
N ILE A 538 34.51 -8.84 -28.02
CA ILE A 538 34.10 -7.74 -28.91
C ILE A 538 33.98 -8.30 -30.29
N ARG A 539 32.87 -8.03 -30.97
CA ARG A 539 32.72 -8.41 -32.37
C ARG A 539 32.35 -7.19 -33.16
N ARG A 540 33.18 -6.84 -34.12
CA ARG A 540 32.96 -5.66 -34.92
C ARG A 540 32.53 -6.08 -36.30
N PHE A 541 32.07 -5.11 -37.07
CA PHE A 541 31.60 -5.34 -38.41
C PHE A 541 31.45 -4.03 -39.15
N ASP A 542 31.16 -4.12 -40.46
CA ASP A 542 31.03 -2.93 -41.27
C ASP A 542 29.96 -2.03 -40.68
N PRO A 543 30.26 -0.73 -40.60
CA PRO A 543 29.36 0.18 -39.94
C PRO A 543 28.08 0.35 -40.74
N ILE A 544 26.96 0.09 -40.08
CA ILE A 544 25.63 0.18 -40.68
C ILE A 544 24.80 1.21 -39.89
N PRO A 545 23.81 1.83 -40.54
CA PRO A 545 22.88 2.67 -39.79
C PRO A 545 21.81 1.81 -39.11
N ALA A 546 21.45 2.16 -37.86
CA ALA A 546 20.51 1.37 -37.05
C ALA A 546 20.00 2.11 -35.83
N GLN A 547 18.70 2.03 -35.56
CA GLN A 547 18.17 2.43 -34.25
C GLN A 547 17.91 1.19 -33.39
N TYR A 548 17.62 0.07 -34.05
CA TYR A 548 17.39 -1.18 -33.35
C TYR A 548 18.41 -2.22 -33.73
N VAL A 549 19.01 -2.87 -32.74
CA VAL A 549 19.88 -4.02 -33.01
C VAL A 549 19.39 -5.24 -32.23
N ARG A 550 19.48 -6.41 -32.87
CA ARG A 550 19.08 -7.68 -32.29
C ARG A 550 20.19 -8.70 -32.37
N VAL A 551 20.45 -9.40 -31.26
CA VAL A 551 21.33 -10.56 -31.26
C VAL A 551 20.48 -11.81 -31.19
N TYR A 552 20.61 -12.70 -32.19
CA TYR A 552 19.94 -14.01 -32.20
C TYR A 552 20.96 -15.12 -31.95
N PRO A 553 20.95 -15.71 -30.76
CA PRO A 553 21.80 -16.87 -30.52
C PRO A 553 21.57 -18.03 -31.50
N GLU A 554 22.65 -18.68 -31.93
CA GLU A 554 22.54 -19.91 -32.74
C GLU A 554 23.05 -21.15 -32.04
N ARG A 555 24.12 -21.02 -31.25
CA ARG A 555 24.70 -22.14 -30.48
C ARG A 555 25.06 -21.69 -29.06
N TRP A 556 25.10 -22.62 -28.12
CA TRP A 556 25.35 -22.28 -26.71
C TRP A 556 25.90 -23.43 -25.89
N SER A 557 26.33 -23.10 -24.68
CA SER A 557 26.86 -24.08 -23.73
C SER A 557 25.77 -25.08 -23.36
N PRO A 558 26.15 -26.19 -22.72
CA PRO A 558 25.13 -27.18 -22.35
C PRO A 558 23.97 -26.64 -21.49
N ALA A 559 24.24 -25.64 -20.65
CA ALA A 559 23.22 -25.09 -19.75
C ALA A 559 22.15 -24.21 -20.44
N GLY A 560 22.29 -23.96 -21.74
CA GLY A 560 21.31 -23.14 -22.45
C GLY A 560 21.80 -21.74 -22.79
N ILE A 561 20.89 -20.91 -23.28
CA ILE A 561 21.19 -19.52 -23.60
C ILE A 561 21.22 -18.72 -22.32
N GLY A 562 22.31 -18.00 -22.12
CA GLY A 562 22.40 -16.96 -21.09
C GLY A 562 23.30 -15.89 -21.67
N MET A 563 22.89 -14.63 -21.64
CA MET A 563 23.63 -13.62 -22.39
C MET A 563 23.57 -12.24 -21.74
N ARG A 564 24.65 -11.49 -21.86
CA ARG A 564 24.64 -10.05 -21.61
C ARG A 564 25.27 -9.36 -22.80
N LEU A 565 24.88 -8.11 -23.03
CA LEU A 565 25.21 -7.44 -24.27
C LEU A 565 25.45 -5.93 -24.09
N GLU A 566 26.32 -5.38 -24.93
CA GLU A 566 26.44 -3.93 -25.12
C GLU A 566 26.52 -3.73 -26.62
N VAL A 567 26.19 -2.53 -27.09
CA VAL A 567 26.32 -2.21 -28.50
C VAL A 567 27.36 -1.09 -28.67
N LEU A 568 28.23 -1.28 -29.66
CA LEU A 568 29.29 -0.34 -30.01
C LEU A 568 28.87 0.45 -31.24
N GLY A 569 29.22 1.73 -31.26
CA GLY A 569 28.93 2.57 -32.41
C GLY A 569 29.15 4.03 -32.11
N CYS A 570 28.41 4.90 -32.78
CA CYS A 570 28.54 6.33 -32.59
C CYS A 570 27.42 7.07 -33.34
N ASP A 571 27.36 8.39 -33.17
CA ASP A 571 26.29 9.21 -33.76
C ASP A 571 26.50 9.41 -35.24
N TRP A 572 25.40 9.62 -35.95
CA TRP A 572 25.43 10.15 -37.30
C TRP A 572 26.00 11.57 -37.30
N THR A 573 26.43 12.04 -38.46
CA THR A 573 26.96 13.41 -38.59
C THR A 573 25.90 14.48 -38.27
N HIS A 577 27.89 19.37 -45.48
CA HIS A 577 27.99 18.28 -46.43
C HIS A 577 27.53 18.71 -47.84
N HIS A 578 26.30 19.23 -47.94
CA HIS A 578 25.62 19.49 -49.22
C HIS A 578 25.56 21.00 -49.60
N HIS A 579 24.86 21.31 -50.69
CA HIS A 579 24.69 22.72 -51.15
C HIS A 579 23.42 22.91 -52.00
N GLU B 1 -18.21 -7.69 32.01
CA GLU B 1 -19.20 -7.71 30.90
C GLU B 1 -18.79 -6.65 29.89
N VAL B 2 -18.64 -7.06 28.62
CA VAL B 2 -18.36 -6.14 27.51
C VAL B 2 -19.43 -5.05 27.28
N GLN B 3 -19.05 -3.77 27.40
CA GLN B 3 -19.99 -2.68 27.14
C GLN B 3 -19.31 -1.52 26.42
N LEU B 4 -20.13 -0.80 25.66
CA LEU B 4 -19.73 0.45 25.05
C LEU B 4 -20.81 1.48 25.38
N VAL B 5 -20.38 2.67 25.78
CA VAL B 5 -21.29 3.75 26.08
C VAL B 5 -20.79 5.03 25.39
N GLU B 6 -21.51 5.46 24.35
CA GLU B 6 -21.23 6.75 23.68
C GLU B 6 -21.71 7.93 24.52
N SER B 7 -21.11 9.07 24.27
CA SER B 7 -21.52 10.33 24.90
C SER B 7 -21.15 11.46 23.96
N GLY B 8 -21.42 12.69 24.40
CA GLY B 8 -20.95 13.88 23.70
C GLY B 8 -21.65 14.26 22.41
N GLY B 9 -22.80 13.65 22.12
CA GLY B 9 -23.57 14.01 20.94
C GLY B 9 -24.55 15.11 21.28
N GLY B 10 -25.05 15.81 20.25
CA GLY B 10 -26.13 16.80 20.46
C GLY B 10 -26.40 17.78 19.32
N LEU B 11 -27.13 18.85 19.62
CA LEU B 11 -27.35 19.93 18.67
C LEU B 11 -26.04 20.68 18.41
N VAL B 12 -25.83 21.12 17.17
CA VAL B 12 -24.63 21.86 16.79
C VAL B 12 -24.88 22.70 15.56
N GLN B 13 -24.31 23.90 15.55
CA GLN B 13 -24.40 24.80 14.40
C GLN B 13 -23.74 24.14 13.20
N PRO B 14 -24.34 24.27 12.00
CA PRO B 14 -23.64 23.91 10.76
C PRO B 14 -22.31 24.65 10.63
N GLY B 15 -21.31 23.96 10.09
CA GLY B 15 -19.93 24.44 10.11
C GLY B 15 -19.23 24.16 11.44
N GLY B 16 -20.01 23.97 12.51
CA GLY B 16 -19.47 23.77 13.85
C GLY B 16 -18.77 22.44 14.03
N SER B 17 -18.27 22.21 15.23
CA SER B 17 -17.50 21.00 15.56
C SER B 17 -18.11 20.24 16.74
N LEU B 18 -17.83 18.93 16.83
CA LEU B 18 -18.30 18.11 17.94
C LEU B 18 -17.54 16.78 18.07
N ARG B 19 -17.49 16.25 19.29
CA ARG B 19 -16.59 15.15 19.61
C ARG B 19 -17.26 14.02 20.40
N LEU B 20 -17.58 12.93 19.71
CA LEU B 20 -18.19 11.77 20.37
C LEU B 20 -17.14 10.93 21.13
N SER B 21 -17.58 10.27 22.21
CA SER B 21 -16.73 9.41 23.01
C SER B 21 -17.37 8.03 23.12
N CYS B 22 -16.62 7.01 22.75
CA CYS B 22 -17.03 5.61 22.91
C CYS B 22 -16.19 5.06 24.06
N ALA B 23 -16.84 4.59 25.13
CA ALA B 23 -16.13 4.27 26.38
C ALA B 23 -16.30 2.79 26.79
N ALA B 24 -15.23 2.02 26.62
CA ALA B 24 -15.29 0.56 26.77
C ALA B 24 -15.18 0.17 28.21
N SER B 25 -16.07 -0.70 28.65
CA SER B 25 -15.99 -1.33 29.96
C SER B 25 -15.99 -2.81 29.74
N GLY B 26 -15.24 -3.54 30.56
CA GLY B 26 -15.19 -4.99 30.49
C GLY B 26 -14.03 -5.58 29.73
N PHE B 27 -13.34 -4.80 28.91
CA PHE B 27 -12.25 -5.33 28.10
C PHE B 27 -11.31 -4.23 27.70
N THR B 28 -10.08 -4.55 27.30
CA THR B 28 -9.13 -3.49 26.89
C THR B 28 -9.31 -3.19 25.37
N ILE B 29 -9.50 -1.91 24.99
CA ILE B 29 -9.88 -1.59 23.59
C ILE B 29 -8.74 -1.76 22.61
N SER B 30 -7.52 -1.44 23.02
CA SER B 30 -6.39 -1.73 22.16
C SER B 30 -6.54 -3.19 21.77
N GLY B 31 -6.05 -3.55 20.61
CA GLY B 31 -6.23 -4.94 20.20
C GLY B 31 -7.67 -5.35 19.96
N TYR B 32 -8.55 -4.39 19.71
CA TYR B 32 -9.80 -4.66 19.02
C TYR B 32 -9.95 -3.62 17.94
N GLY B 33 -11.02 -3.77 17.15
CA GLY B 33 -11.34 -2.78 16.16
C GLY B 33 -12.53 -2.01 16.69
N ILE B 34 -12.42 -0.68 16.77
CA ILE B 34 -13.56 0.16 17.16
C ILE B 34 -14.09 0.94 15.97
N HIS B 35 -15.30 0.62 15.55
CA HIS B 35 -15.91 1.23 14.36
C HIS B 35 -16.96 2.24 14.77
N TRP B 36 -17.17 3.26 13.95
CA TRP B 36 -18.33 4.12 14.09
C TRP B 36 -19.26 3.90 12.92
N VAL B 37 -20.52 3.63 13.23
CA VAL B 37 -21.55 3.46 12.23
C VAL B 37 -22.68 4.42 12.55
N ARG B 38 -23.12 5.17 11.54
CA ARG B 38 -24.20 6.13 11.77
C ARG B 38 -25.45 5.75 11.02
N GLN B 39 -26.57 6.26 11.52
CA GLN B 39 -27.87 5.97 10.97
C GLN B 39 -28.73 7.25 10.91
N ALA B 40 -28.92 7.79 9.71
CA ALA B 40 -29.72 9.02 9.54
C ALA B 40 -31.21 8.74 9.77
N PRO B 41 -31.91 9.64 10.48
CA PRO B 41 -33.26 9.38 10.97
C PRO B 41 -34.07 8.49 10.02
N GLY B 42 -34.42 7.30 10.48
CA GLY B 42 -35.24 6.38 9.70
C GLY B 42 -34.64 5.88 8.39
N LYS B 43 -33.31 5.93 8.26
CA LYS B 43 -32.64 5.40 7.06
C LYS B 43 -31.66 4.30 7.51
N GLY B 44 -30.97 3.70 6.54
CA GLY B 44 -30.10 2.54 6.81
C GLY B 44 -28.78 2.87 7.47
N LEU B 45 -28.00 1.84 7.80
CA LEU B 45 -26.78 2.01 8.58
C LEU B 45 -25.65 2.38 7.66
N GLU B 46 -24.94 3.46 7.96
CA GLU B 46 -23.79 3.86 7.18
C GLU B 46 -22.54 3.64 7.98
N TRP B 47 -21.60 2.88 7.43
CA TRP B 47 -20.31 2.78 8.07
C TRP B 47 -19.52 4.06 7.81
N VAL B 48 -18.88 4.59 8.85
CA VAL B 48 -18.25 5.90 8.78
C VAL B 48 -16.73 5.91 9.03
N ALA B 49 -16.23 5.11 9.96
CA ALA B 49 -14.80 5.12 10.24
C ALA B 49 -14.46 4.00 11.18
N TYR B 50 -13.16 3.73 11.35
CA TYR B 50 -12.72 2.77 12.35
C TYR B 50 -11.29 3.00 12.81
N ILE B 51 -10.93 2.34 13.90
CA ILE B 51 -9.57 2.42 14.44
C ILE B 51 -9.15 1.09 15.08
N TYR B 52 -7.85 0.79 15.01
CA TYR B 52 -7.27 -0.40 15.61
C TYR B 52 -6.12 0.10 16.45
N PRO B 53 -6.37 0.41 17.72
CA PRO B 53 -5.45 1.28 18.45
C PRO B 53 -4.03 0.78 18.62
N ASP B 54 -3.79 -0.51 18.80
CA ASP B 54 -2.40 -0.98 18.90
C ASP B 54 -1.54 -0.51 17.74
N SER B 55 -1.98 -0.83 16.52
CA SER B 55 -1.28 -0.43 15.30
C SER B 55 -1.38 1.05 14.97
N GLY B 56 -2.57 1.61 15.13
CA GLY B 56 -2.86 2.97 14.66
C GLY B 56 -3.67 3.01 13.38
N TYR B 57 -3.82 1.87 12.71
CA TYR B 57 -4.58 1.80 11.47
C TYR B 57 -5.92 2.46 11.68
N THR B 58 -6.22 3.41 10.82
CA THR B 58 -7.52 4.07 10.77
C THR B 58 -7.93 4.12 9.31
N ASP B 59 -9.21 4.35 9.03
CA ASP B 59 -9.64 4.60 7.65
C ASP B 59 -11.06 5.17 7.73
N TYR B 60 -11.58 5.69 6.62
CA TYR B 60 -12.80 6.48 6.69
C TYR B 60 -13.64 6.36 5.43
N ALA B 61 -14.95 6.43 5.59
CA ALA B 61 -15.85 6.49 4.44
C ALA B 61 -15.70 7.86 3.79
N ASP B 62 -15.73 7.89 2.45
CA ASP B 62 -15.51 9.13 1.68
C ASP B 62 -16.44 10.26 2.13
N SER B 63 -17.65 9.87 2.52
CA SER B 63 -18.64 10.80 3.03
C SER B 63 -18.18 11.59 4.24
N VAL B 64 -17.09 11.16 4.90
CA VAL B 64 -16.54 11.90 6.04
C VAL B 64 -15.03 12.16 6.00
N LYS B 65 -14.31 11.43 5.14
CA LYS B 65 -12.87 11.60 4.99
C LYS B 65 -12.49 13.08 4.89
N GLY B 66 -11.48 13.49 5.65
CA GLY B 66 -11.02 14.87 5.65
C GLY B 66 -11.67 15.75 6.68
N ARG B 67 -12.79 15.33 7.22
CA ARG B 67 -13.57 16.14 8.16
C ARG B 67 -13.69 15.49 9.54
N PHE B 68 -13.59 14.16 9.59
CA PHE B 68 -13.71 13.38 10.80
C PHE B 68 -12.34 12.80 11.15
N THR B 69 -12.05 12.64 12.45
CA THR B 69 -10.76 12.09 12.89
C THR B 69 -10.94 11.12 14.06
N ILE B 70 -11.01 9.83 13.74
CA ILE B 70 -11.10 8.77 14.75
C ILE B 70 -9.79 8.66 15.53
N SER B 71 -9.88 8.38 16.82
CA SER B 71 -8.68 8.25 17.66
C SER B 71 -9.00 7.50 18.94
N ALA B 72 -7.99 7.29 19.78
CA ALA B 72 -8.16 6.43 20.95
C ALA B 72 -7.17 6.74 22.04
N ASP B 73 -7.67 6.87 23.27
CA ASP B 73 -6.83 6.98 24.46
C ASP B 73 -6.99 5.67 25.24
N THR B 74 -5.98 4.81 25.16
CA THR B 74 -6.05 3.51 25.81
C THR B 74 -5.75 3.60 27.31
N SER B 75 -5.04 4.63 27.74
CA SER B 75 -4.96 4.86 29.17
C SER B 75 -6.36 5.13 29.75
N LYS B 76 -7.29 5.62 28.94
CA LYS B 76 -8.69 5.83 29.36
C LYS B 76 -9.64 4.83 28.73
N ASN B 77 -9.09 3.83 28.03
CA ASN B 77 -9.91 2.78 27.45
C ASN B 77 -11.10 3.33 26.66
N THR B 78 -10.87 4.45 25.96
CA THR B 78 -11.90 5.12 25.16
C THR B 78 -11.43 5.44 23.72
N ALA B 79 -12.40 5.42 22.80
CA ALA B 79 -12.19 5.84 21.42
C ALA B 79 -13.02 7.10 21.19
N TYR B 80 -12.53 7.97 20.34
CA TYR B 80 -13.18 9.23 20.06
C TYR B 80 -13.47 9.33 18.59
N LEU B 81 -14.39 10.23 18.25
CA LEU B 81 -14.65 10.59 16.85
C LEU B 81 -14.85 12.08 16.78
N GLN B 82 -13.80 12.80 16.40
CA GLN B 82 -13.83 14.25 16.29
C GLN B 82 -14.36 14.65 14.92
N MET B 83 -15.60 15.17 14.88
CA MET B 83 -16.23 15.63 13.65
C MET B 83 -16.08 17.14 13.51
N ASN B 84 -15.62 17.61 12.34
CA ASN B 84 -15.50 19.05 12.04
C ASN B 84 -16.26 19.45 10.76
N SER B 85 -16.48 20.76 10.59
CA SER B 85 -17.16 21.25 9.38
C SER B 85 -18.48 20.53 9.12
N LEU B 86 -19.31 20.46 10.16
CA LEU B 86 -20.51 19.62 10.14
C LEU B 86 -21.63 20.09 9.21
N ARG B 87 -21.99 19.22 8.26
CA ARG B 87 -23.11 19.45 7.35
C ARG B 87 -24.43 18.95 7.96
N ALA B 88 -25.54 19.36 7.35
CA ALA B 88 -26.87 18.92 7.81
C ALA B 88 -27.01 17.41 7.73
N GLU B 89 -26.56 16.84 6.60
CA GLU B 89 -26.74 15.41 6.32
C GLU B 89 -25.86 14.50 7.19
N ASP B 90 -25.06 15.07 8.09
CA ASP B 90 -24.40 14.29 9.13
C ASP B 90 -25.35 14.01 10.29
N THR B 91 -26.52 14.62 10.28
CA THR B 91 -27.48 14.41 11.33
C THR B 91 -27.86 12.94 11.37
N ALA B 92 -27.68 12.33 12.54
CA ALA B 92 -27.91 10.90 12.71
C ALA B 92 -27.62 10.43 14.12
N VAL B 93 -28.00 9.19 14.42
CA VAL B 93 -27.57 8.53 15.63
C VAL B 93 -26.24 7.84 15.30
N TYR B 94 -25.26 7.94 16.19
CA TYR B 94 -23.91 7.39 15.96
C TYR B 94 -23.56 6.27 16.96
N TYR B 95 -23.52 5.06 16.42
CA TYR B 95 -23.16 3.87 17.18
C TYR B 95 -21.65 3.67 17.05
N CYS B 96 -21.02 3.12 18.10
CA CYS B 96 -19.65 2.61 18.03
C CYS B 96 -19.75 1.12 18.33
N ALA B 97 -19.04 0.31 17.54
CA ALA B 97 -19.14 -1.14 17.66
C ALA B 97 -17.79 -1.79 17.67
N ARG B 98 -17.68 -2.88 18.42
CA ARG B 98 -16.42 -3.61 18.55
C ARG B 98 -16.25 -4.68 17.46
N GLU B 99 -15.03 -4.85 16.99
CA GLU B 99 -14.67 -5.89 16.05
C GLU B 99 -13.53 -6.71 16.66
N ASP B 100 -13.73 -8.02 16.77
CA ASP B 100 -12.72 -8.90 17.34
C ASP B 100 -12.03 -9.75 16.26
N PHE B 101 -10.89 -9.30 15.78
CA PHE B 101 -10.29 -9.87 14.58
C PHE B 101 -9.10 -10.79 14.86
N ARG B 102 -8.28 -10.44 15.85
CA ARG B 102 -7.13 -11.27 16.21
C ARG B 102 -7.52 -12.74 16.32
N ASN B 103 -6.93 -13.56 15.43
CA ASN B 103 -7.11 -15.02 15.39
C ASN B 103 -8.44 -15.53 14.88
N ARG B 104 -9.14 -14.71 14.11
CA ARG B 104 -10.52 -14.99 13.75
C ARG B 104 -10.87 -14.43 12.36
N ARG B 105 -10.12 -14.86 11.35
CA ARG B 105 -10.39 -14.50 9.97
C ARG B 105 -11.89 -14.52 9.61
N ARG B 106 -12.70 -15.40 10.18
CA ARG B 106 -14.11 -15.33 9.80
C ARG B 106 -14.93 -14.16 10.38
N LEU B 107 -14.37 -13.46 11.36
CA LEU B 107 -15.07 -12.38 12.07
C LEU B 107 -14.42 -11.03 11.83
N TRP B 108 -13.44 -10.98 10.94
CA TRP B 108 -12.88 -9.74 10.43
C TRP B 108 -13.98 -8.79 9.96
N TYR B 109 -13.85 -7.51 10.36
CA TYR B 109 -14.85 -6.47 10.04
C TYR B 109 -16.24 -6.87 10.44
N VAL B 110 -16.39 -7.77 11.41
CA VAL B 110 -17.72 -8.08 11.96
C VAL B 110 -17.84 -7.38 13.30
N MET B 111 -19.00 -6.79 13.52
CA MET B 111 -19.21 -5.88 14.63
C MET B 111 -20.08 -6.54 15.68
N ASP B 112 -19.44 -7.09 16.72
CA ASP B 112 -20.13 -8.00 17.64
C ASP B 112 -20.82 -7.35 18.83
N TYR B 113 -20.34 -6.19 19.26
CA TYR B 113 -20.96 -5.43 20.33
C TYR B 113 -21.13 -4.00 19.89
N TRP B 114 -22.30 -3.44 20.15
CA TRP B 114 -22.67 -2.12 19.70
C TRP B 114 -23.03 -1.24 20.89
N GLY B 115 -22.51 -0.02 20.93
CA GLY B 115 -22.93 0.94 21.94
C GLY B 115 -24.39 1.24 21.76
N GLN B 116 -24.94 2.05 22.66
CA GLN B 116 -26.38 2.41 22.63
C GLN B 116 -26.73 3.50 21.61
N GLY B 117 -25.74 4.15 21.03
CA GLY B 117 -25.98 5.22 20.06
C GLY B 117 -26.11 6.57 20.74
N THR B 118 -25.53 7.60 20.14
CA THR B 118 -25.75 8.97 20.59
C THR B 118 -26.21 9.79 19.41
N LEU B 119 -27.13 10.73 19.67
CA LEU B 119 -27.79 11.51 18.62
C LEU B 119 -27.05 12.81 18.34
N VAL B 120 -26.51 12.92 17.13
CA VAL B 120 -25.95 14.16 16.62
C VAL B 120 -26.93 14.87 15.67
N THR B 121 -27.33 16.08 16.07
CA THR B 121 -28.27 16.88 15.30
C THR B 121 -27.56 18.17 14.83
N VAL B 122 -27.66 18.45 13.53
CA VAL B 122 -27.00 19.60 12.91
C VAL B 122 -28.03 20.61 12.37
N SER B 123 -28.34 21.63 13.17
CA SER B 123 -29.34 22.64 12.77
C SER B 123 -29.01 24.06 13.24
N SER B 124 -29.32 25.04 12.40
CA SER B 124 -29.21 26.41 12.81
C SER B 124 -30.29 26.74 13.83
N ALA B 125 -31.36 25.94 13.85
CA ALA B 125 -32.43 26.09 14.86
C ALA B 125 -31.86 26.00 16.27
N SER B 126 -32.47 26.75 17.18
CA SER B 126 -31.99 26.81 18.57
C SER B 126 -32.74 25.83 19.46
N THR B 127 -32.20 25.64 20.67
CA THR B 127 -32.85 24.80 21.68
C THR B 127 -34.15 25.43 22.14
N LYS B 128 -35.08 24.58 22.57
CA LYS B 128 -36.39 25.03 23.03
C LYS B 128 -37.02 23.95 23.91
N GLY B 129 -37.23 24.28 25.19
CA GLY B 129 -37.88 23.36 26.12
C GLY B 129 -39.37 23.29 25.83
N PRO B 130 -40.01 22.15 26.17
CA PRO B 130 -41.38 21.84 25.75
C PRO B 130 -42.48 22.41 26.64
N SER B 131 -43.68 22.51 26.10
CA SER B 131 -44.87 22.74 26.91
C SER B 131 -45.62 21.41 27.05
N VAL B 132 -46.00 21.07 28.28
CA VAL B 132 -46.70 19.80 28.54
C VAL B 132 -48.17 20.04 28.87
N PHE B 133 -49.06 19.66 27.96
CA PHE B 133 -50.49 19.78 28.19
C PHE B 133 -51.11 18.41 28.39
N PRO B 134 -52.07 18.30 29.34
CA PRO B 134 -52.73 17.02 29.58
C PRO B 134 -53.86 16.74 28.59
N LEU B 135 -54.10 15.45 28.34
CA LEU B 135 -55.25 15.00 27.56
C LEU B 135 -56.23 14.31 28.49
N ALA B 136 -57.30 15.03 28.84
CA ALA B 136 -58.22 14.62 29.91
C ALA B 136 -59.37 13.72 29.40
N PRO B 137 -59.68 12.62 30.12
CA PRO B 137 -60.78 11.70 29.77
C PRO B 137 -62.19 12.32 29.61
N SER B 138 -63.21 11.46 29.64
CA SER B 138 -64.61 11.84 29.35
C SER B 138 -65.34 12.50 30.52
N SER B 139 -66.60 12.89 30.27
CA SER B 139 -67.50 13.38 31.30
C SER B 139 -68.94 12.97 30.96
N GLY B 145 -65.80 0.40 31.13
CA GLY B 145 -64.89 -0.55 30.49
C GLY B 145 -63.46 -0.05 30.44
N THR B 146 -63.09 0.61 29.34
CA THR B 146 -61.79 1.26 29.22
C THR B 146 -61.92 2.67 28.60
N ALA B 147 -61.58 3.69 29.40
CA ALA B 147 -61.32 5.04 28.91
C ALA B 147 -59.80 5.23 28.93
N ALA B 148 -59.30 6.17 28.13
CA ALA B 148 -57.86 6.37 27.95
C ALA B 148 -57.48 7.80 28.29
N LEU B 149 -56.18 8.04 28.42
CA LEU B 149 -55.65 9.37 28.75
C LEU B 149 -54.16 9.47 28.45
N GLY B 150 -53.66 10.71 28.38
CA GLY B 150 -52.27 10.95 27.99
C GLY B 150 -51.74 12.35 28.27
N CYS B 151 -50.61 12.65 27.65
CA CYS B 151 -49.93 13.94 27.76
C CYS B 151 -49.45 14.38 26.39
N LEU B 152 -49.66 15.66 26.06
CA LEU B 152 -49.23 16.22 24.79
C LEU B 152 -48.01 17.10 25.04
N VAL B 153 -46.85 16.60 24.63
CA VAL B 153 -45.59 17.32 24.73
C VAL B 153 -45.43 18.17 23.48
N LYS B 154 -45.63 19.48 23.61
CA LYS B 154 -45.67 20.35 22.44
C LYS B 154 -44.61 21.45 22.42
N ASP B 155 -44.15 21.77 21.21
CA ASP B 155 -43.22 22.86 20.92
C ASP B 155 -41.84 22.71 21.57
N TYR B 156 -41.09 21.72 21.09
CA TYR B 156 -39.71 21.52 21.52
C TYR B 156 -38.78 21.24 20.34
N PHE B 157 -37.49 21.39 20.63
CA PHE B 157 -36.43 21.09 19.70
C PHE B 157 -35.14 21.22 20.48
N PRO B 158 -34.17 20.34 20.23
CA PRO B 158 -34.18 19.19 19.32
C PRO B 158 -34.81 17.93 19.91
N GLU B 159 -34.90 16.88 19.11
CA GLU B 159 -35.19 15.53 19.63
C GLU B 159 -34.03 15.09 20.54
N PRO B 160 -34.29 14.15 21.46
CA PRO B 160 -35.54 13.50 21.78
C PRO B 160 -36.14 13.90 23.13
N VAL B 161 -37.44 13.69 23.28
CA VAL B 161 -38.10 13.76 24.58
C VAL B 161 -38.31 12.34 25.07
N THR B 162 -38.36 12.17 26.39
CA THR B 162 -38.70 10.88 26.98
C THR B 162 -39.84 11.01 28.01
N VAL B 163 -40.88 10.19 27.82
CA VAL B 163 -42.06 10.22 28.68
C VAL B 163 -42.12 8.94 29.52
N SER B 164 -42.59 9.08 30.74
CA SER B 164 -42.90 7.93 31.58
C SER B 164 -44.08 8.28 32.48
N TRP B 165 -44.75 7.26 32.99
CA TRP B 165 -45.90 7.46 33.87
C TRP B 165 -45.61 6.93 35.28
N ASN B 166 -45.82 7.80 36.27
CA ASN B 166 -45.56 7.49 37.69
C ASN B 166 -44.12 7.05 37.93
N SER B 167 -43.19 7.62 37.18
CA SER B 167 -41.76 7.31 37.27
C SER B 167 -41.42 5.84 36.99
N GLY B 168 -42.11 5.23 36.04
CA GLY B 168 -41.81 3.85 35.63
C GLY B 168 -42.78 2.82 36.18
N ALA B 169 -43.38 3.16 37.32
CA ALA B 169 -44.40 2.33 37.97
C ALA B 169 -45.49 1.81 36.99
N LEU B 170 -45.91 2.65 36.04
CA LEU B 170 -46.91 2.23 35.04
C LEU B 170 -46.32 2.13 33.63
N THR B 171 -46.11 0.90 33.17
CA THR B 171 -45.58 0.65 31.83
C THR B 171 -46.66 0.02 30.94
N SER B 172 -47.20 -1.10 31.40
CA SER B 172 -48.17 -1.90 30.63
C SER B 172 -49.34 -1.05 30.12
N GLY B 173 -49.55 -1.04 28.80
CA GLY B 173 -50.67 -0.30 28.18
C GLY B 173 -50.38 1.11 27.67
N VAL B 174 -49.17 1.61 27.93
CA VAL B 174 -48.76 2.94 27.51
C VAL B 174 -48.36 2.94 26.04
N HIS B 175 -48.50 4.10 25.40
CA HIS B 175 -48.08 4.30 24.00
C HIS B 175 -47.50 5.71 23.81
N THR B 176 -46.17 5.84 23.79
CA THR B 176 -45.54 7.13 23.43
C THR B 176 -45.30 7.22 21.92
N PHE B 177 -45.88 8.25 21.30
CA PHE B 177 -45.87 8.36 19.85
C PHE B 177 -44.58 8.98 19.34
N PRO B 178 -44.16 8.59 18.13
CA PRO B 178 -43.09 9.25 17.41
C PRO B 178 -43.37 10.73 17.22
N ALA B 179 -42.42 11.57 17.62
CA ALA B 179 -42.48 12.99 17.34
C ALA B 179 -42.69 13.22 15.86
N VAL B 180 -43.64 14.10 15.51
CA VAL B 180 -43.78 14.61 14.14
C VAL B 180 -43.16 16.00 14.08
N LEU B 181 -42.59 16.33 12.92
CA LEU B 181 -42.04 17.67 12.68
C LEU B 181 -43.15 18.57 12.16
N GLN B 182 -43.53 19.55 12.96
CA GLN B 182 -44.59 20.46 12.56
C GLN B 182 -44.08 21.44 11.50
N SER B 183 -45.02 22.05 10.78
CA SER B 183 -44.71 23.09 9.82
C SER B 183 -43.96 24.27 10.47
N SER B 184 -44.19 24.48 11.77
CA SER B 184 -43.51 25.51 12.55
C SER B 184 -42.01 25.23 12.76
N GLY B 185 -41.57 24.00 12.52
CA GLY B 185 -40.15 23.63 12.67
C GLY B 185 -39.85 22.93 13.98
N LEU B 186 -40.79 22.97 14.92
CA LEU B 186 -40.64 22.32 16.22
C LEU B 186 -41.40 20.99 16.28
N TYR B 187 -40.89 20.05 17.06
CA TYR B 187 -41.53 18.73 17.20
C TYR B 187 -42.63 18.76 18.23
N SER B 188 -43.48 17.75 18.17
CA SER B 188 -44.44 17.50 19.24
C SER B 188 -44.91 16.06 19.17
N LEU B 189 -45.05 15.45 20.34
CA LEU B 189 -45.55 14.11 20.43
C LEU B 189 -46.56 14.05 21.55
N SER B 190 -47.21 12.90 21.67
CA SER B 190 -48.13 12.65 22.74
C SER B 190 -47.84 11.27 23.30
N SER B 191 -47.99 11.12 24.61
CA SER B 191 -47.95 9.78 25.22
C SER B 191 -49.30 9.45 25.84
N VAL B 192 -49.85 8.28 25.49
CA VAL B 192 -51.14 7.86 26.05
C VAL B 192 -51.06 6.51 26.73
N VAL B 193 -52.00 6.29 27.65
CA VAL B 193 -52.16 5.00 28.31
C VAL B 193 -53.66 4.76 28.46
N THR B 194 -54.09 3.52 28.21
CA THR B 194 -55.48 3.15 28.45
C THR B 194 -55.54 2.40 29.77
N VAL B 195 -56.61 2.66 30.52
CA VAL B 195 -56.77 2.12 31.86
C VAL B 195 -58.27 2.04 32.24
N PRO B 196 -58.62 1.14 33.17
CA PRO B 196 -60.03 0.96 33.63
C PRO B 196 -60.75 2.23 34.10
N SER B 197 -61.95 2.45 33.56
CA SER B 197 -62.77 3.63 33.91
C SER B 197 -63.46 3.50 35.29
N SER B 198 -63.05 2.50 36.07
CA SER B 198 -63.42 2.41 37.48
C SER B 198 -62.26 2.87 38.37
N SER B 199 -61.04 2.47 38.01
CA SER B 199 -59.81 2.96 38.68
C SER B 199 -59.43 4.38 38.23
N LEU B 200 -60.08 4.85 37.16
CA LEU B 200 -60.09 6.27 36.78
C LEU B 200 -60.70 7.10 37.92
N GLY B 201 -60.20 8.32 38.11
CA GLY B 201 -60.75 9.23 39.11
C GLY B 201 -60.63 8.79 40.56
N THR B 202 -59.79 7.78 40.82
CA THR B 202 -59.38 7.42 42.19
C THR B 202 -57.91 6.98 42.23
N GLN B 203 -57.14 7.38 41.22
CA GLN B 203 -55.78 6.92 41.04
C GLN B 203 -54.94 8.07 40.51
N THR B 204 -53.76 8.23 41.09
CA THR B 204 -52.81 9.22 40.61
C THR B 204 -52.27 8.79 39.24
N TYR B 205 -52.53 9.62 38.23
CA TYR B 205 -51.92 9.45 36.91
C TYR B 205 -51.11 10.69 36.56
N ILE B 206 -49.81 10.60 36.78
CA ILE B 206 -48.88 11.67 36.43
C ILE B 206 -47.93 11.18 35.34
N CYS B 207 -47.79 11.95 34.26
CA CYS B 207 -46.79 11.62 33.25
C CYS B 207 -45.56 12.43 33.53
N ASN B 208 -44.40 11.86 33.20
CA ASN B 208 -43.11 12.46 33.49
C ASN B 208 -42.35 12.71 32.19
N VAL B 209 -42.39 13.97 31.74
CA VAL B 209 -41.70 14.39 30.53
C VAL B 209 -40.31 14.86 30.94
N ASN B 210 -39.31 14.45 30.17
CA ASN B 210 -37.91 14.85 30.39
C ASN B 210 -37.25 15.18 29.05
N HIS B 211 -36.49 16.28 29.03
CA HIS B 211 -35.85 16.77 27.83
C HIS B 211 -34.43 17.20 28.19
N LYS B 212 -33.43 16.35 27.96
CA LYS B 212 -32.04 16.70 28.32
C LYS B 212 -31.62 18.03 27.69
N PRO B 213 -31.82 18.19 26.35
CA PRO B 213 -31.30 19.35 25.63
C PRO B 213 -31.70 20.74 26.17
N SER B 214 -32.81 20.81 26.90
CA SER B 214 -33.22 22.05 27.57
C SER B 214 -33.10 21.98 29.09
N ASN B 215 -32.69 20.82 29.62
CA ASN B 215 -32.69 20.58 31.07
C ASN B 215 -34.05 20.80 31.73
N THR B 216 -35.11 20.34 31.07
CA THR B 216 -36.47 20.45 31.61
C THR B 216 -37.01 19.09 32.05
N LYS B 217 -37.46 19.06 33.31
CA LYS B 217 -38.38 18.03 33.80
C LYS B 217 -39.61 18.75 34.34
N VAL B 218 -40.77 18.41 33.79
CA VAL B 218 -42.05 18.77 34.38
C VAL B 218 -42.89 17.51 34.42
N ASP B 219 -43.28 17.11 35.62
CA ASP B 219 -44.16 15.96 35.83
C ASP B 219 -45.59 16.48 35.97
N LYS B 220 -46.41 16.25 34.93
CA LYS B 220 -47.77 16.76 34.87
C LYS B 220 -48.78 15.69 35.27
N LYS B 221 -49.72 16.08 36.12
CA LYS B 221 -50.75 15.21 36.68
C LYS B 221 -52.03 15.36 35.87
N VAL B 222 -52.44 14.27 35.23
CA VAL B 222 -53.63 14.29 34.37
C VAL B 222 -54.89 13.83 35.13
N GLU B 223 -55.92 14.68 35.11
CA GLU B 223 -57.21 14.40 35.75
C GLU B 223 -58.34 14.67 34.75
N PRO B 224 -59.52 14.07 34.96
CA PRO B 224 -60.69 14.41 34.16
C PRO B 224 -61.48 15.55 34.81
N LYS B 225 -61.25 16.78 34.36
CA LYS B 225 -61.87 17.95 35.00
C LYS B 225 -63.00 18.57 34.17
N SER B 226 -63.91 19.25 34.88
CA SER B 226 -65.00 19.99 34.25
C SER B 226 -65.54 21.03 35.24
N CYS B 227 -65.99 22.16 34.73
CA CYS B 227 -66.51 23.25 35.55
C CYS B 227 -65.48 23.69 36.59
N ASP C 1 -16.29 1.66 -3.56
CA ASP C 1 -16.89 0.86 -2.45
C ASP C 1 -17.75 -0.28 -3.01
N ILE C 2 -17.77 -1.40 -2.30
CA ILE C 2 -18.68 -2.50 -2.62
C ILE C 2 -20.04 -2.12 -2.10
N GLN C 3 -21.04 -2.15 -2.98
CA GLN C 3 -22.43 -1.86 -2.60
C GLN C 3 -23.22 -3.14 -2.37
N MET C 4 -24.08 -3.11 -1.35
CA MET C 4 -25.00 -4.22 -1.04
C MET C 4 -26.44 -3.74 -1.21
N THR C 5 -27.26 -4.50 -1.90
CA THR C 5 -28.67 -4.11 -2.04
C THR C 5 -29.60 -5.28 -1.64
N GLN C 6 -30.61 -4.98 -0.83
CA GLN C 6 -31.43 -6.00 -0.23
C GLN C 6 -32.78 -6.16 -0.91
N SER C 7 -33.29 -7.39 -0.87
CA SER C 7 -34.52 -7.75 -1.58
C SER C 7 -35.38 -8.73 -0.75
N PRO C 8 -36.64 -8.39 -0.47
CA PRO C 8 -37.32 -7.12 -0.74
C PRO C 8 -36.89 -6.12 0.30
N SER C 9 -37.33 -4.88 0.12
CA SER C 9 -36.98 -3.82 1.05
C SER C 9 -37.96 -3.78 2.21
N SER C 10 -39.06 -4.53 2.11
CA SER C 10 -39.99 -4.73 3.24
C SER C 10 -41.00 -5.83 2.96
N LEU C 11 -41.40 -6.53 4.01
CA LEU C 11 -42.33 -7.64 3.86
C LEU C 11 -43.17 -7.83 5.10
N SER C 12 -44.42 -8.24 4.88
CA SER C 12 -45.28 -8.70 5.96
C SER C 12 -45.53 -10.20 5.79
N ALA C 13 -45.49 -10.94 6.89
CA ALA C 13 -45.78 -12.38 6.85
C ALA C 13 -46.20 -12.88 8.22
N SER C 14 -47.05 -13.91 8.21
CA SER C 14 -47.70 -14.42 9.40
C SER C 14 -46.74 -15.17 10.32
N VAL C 15 -47.12 -15.31 11.57
CA VAL C 15 -46.31 -16.04 12.52
C VAL C 15 -46.24 -17.51 12.09
N GLY C 16 -45.05 -18.10 12.17
CA GLY C 16 -44.82 -19.46 11.70
C GLY C 16 -44.44 -19.59 10.23
N ASP C 17 -44.64 -18.54 9.45
CA ASP C 17 -44.21 -18.55 8.06
C ASP C 17 -42.69 -18.54 8.01
N ARG C 18 -42.14 -19.25 7.03
CA ARG C 18 -40.74 -19.13 6.68
C ARG C 18 -40.60 -17.84 5.90
N VAL C 19 -39.49 -17.16 6.06
CA VAL C 19 -39.31 -15.82 5.53
C VAL C 19 -37.89 -15.73 5.03
N THR C 20 -37.72 -15.03 3.91
CA THR C 20 -36.49 -15.10 3.17
C THR C 20 -36.10 -13.71 2.70
N ILE C 21 -35.14 -13.09 3.38
CA ILE C 21 -34.54 -11.84 2.91
C ILE C 21 -33.35 -12.20 2.04
N THR C 22 -33.07 -11.35 1.07
CA THR C 22 -32.00 -11.57 0.09
C THR C 22 -31.13 -10.34 -0.01
N CYS C 23 -29.84 -10.57 -0.31
CA CYS C 23 -28.84 -9.50 -0.32
C CYS C 23 -27.81 -9.78 -1.45
N ARG C 24 -27.80 -8.92 -2.47
CA ARG C 24 -26.89 -9.08 -3.62
C ARG C 24 -25.77 -8.04 -3.59
N ALA C 25 -24.52 -8.52 -3.56
CA ALA C 25 -23.32 -7.69 -3.42
C ALA C 25 -22.79 -7.30 -4.77
N SER C 26 -22.29 -6.07 -4.92
CA SER C 26 -21.90 -5.53 -6.24
C SER C 26 -20.66 -6.16 -6.87
N GLN C 27 -20.04 -7.10 -6.15
CA GLN C 27 -18.93 -7.90 -6.68
C GLN C 27 -18.53 -8.97 -5.67
N ASP C 28 -17.83 -10.01 -6.13
CA ASP C 28 -17.62 -11.22 -5.33
C ASP C 28 -17.17 -10.85 -3.95
N VAL C 29 -17.69 -11.56 -2.96
CA VAL C 29 -17.38 -11.26 -1.56
C VAL C 29 -17.04 -12.53 -0.76
N SER C 30 -16.75 -13.63 -1.46
CA SER C 30 -16.53 -14.96 -0.85
C SER C 30 -17.71 -15.23 0.10
N THR C 31 -17.51 -15.78 1.31
CA THR C 31 -18.64 -15.87 2.28
C THR C 31 -18.60 -14.80 3.35
N ALA C 32 -17.91 -13.70 3.09
CA ALA C 32 -17.68 -12.69 4.13
C ALA C 32 -18.86 -11.74 4.32
N VAL C 33 -20.00 -12.25 4.76
CA VAL C 33 -21.21 -11.45 4.92
C VAL C 33 -21.86 -11.63 6.28
N ALA C 34 -22.28 -10.52 6.90
CA ALA C 34 -22.83 -10.55 8.26
C ALA C 34 -24.26 -10.13 8.19
N TRP C 35 -25.09 -10.64 9.11
CA TRP C 35 -26.48 -10.17 9.23
C TRP C 35 -26.72 -9.59 10.61
N TYR C 36 -27.27 -8.39 10.66
CA TYR C 36 -27.66 -7.77 11.91
C TYR C 36 -29.17 -7.66 11.96
N GLN C 37 -29.69 -7.49 13.18
CA GLN C 37 -31.12 -7.29 13.41
C GLN C 37 -31.29 -6.01 14.16
N GLN C 38 -32.12 -5.10 13.66
CA GLN C 38 -32.35 -3.88 14.41
C GLN C 38 -33.81 -3.74 14.72
N LYS C 39 -34.09 -3.61 16.01
CA LYS C 39 -35.41 -3.28 16.48
C LYS C 39 -35.37 -1.76 16.59
N PRO C 40 -36.54 -1.12 16.51
CA PRO C 40 -36.52 0.33 16.42
C PRO C 40 -35.99 0.98 17.69
N GLY C 41 -35.10 1.95 17.51
CA GLY C 41 -34.57 2.74 18.61
C GLY C 41 -33.62 1.97 19.51
N LYS C 42 -33.07 0.89 18.97
CA LYS C 42 -32.16 0.04 19.69
C LYS C 42 -30.97 -0.22 18.77
N ALA C 43 -29.81 -0.57 19.34
CA ALA C 43 -28.65 -0.83 18.54
C ALA C 43 -28.86 -2.13 17.80
N PRO C 44 -28.28 -2.30 16.62
CA PRO C 44 -28.29 -3.59 15.91
C PRO C 44 -27.65 -4.76 16.67
N LYS C 45 -28.11 -5.97 16.37
CA LYS C 45 -27.54 -7.17 16.96
C LYS C 45 -27.00 -8.07 15.88
N LEU C 46 -25.80 -8.60 16.09
CA LEU C 46 -25.25 -9.58 15.17
C LEU C 46 -26.09 -10.85 15.28
N LEU C 47 -26.49 -11.39 14.13
CA LEU C 47 -27.16 -12.68 14.05
C LEU C 47 -26.27 -13.74 13.39
N ILE C 48 -25.69 -13.40 12.24
CA ILE C 48 -24.98 -14.36 11.38
C ILE C 48 -23.66 -13.75 10.94
N TYR C 49 -22.60 -14.55 11.00
CA TYR C 49 -21.31 -14.11 10.48
C TYR C 49 -20.79 -15.12 9.48
N SER C 50 -19.96 -14.64 8.57
CA SER C 50 -19.37 -15.47 7.52
C SER C 50 -20.41 -16.22 6.74
N ALA C 51 -21.55 -15.57 6.50
CA ALA C 51 -22.63 -16.05 5.62
C ALA C 51 -23.60 -17.03 6.25
N SER C 52 -23.07 -18.00 7.00
CA SER C 52 -23.86 -19.15 7.45
C SER C 52 -23.69 -19.53 8.90
N PHE C 53 -22.92 -18.76 9.68
CA PHE C 53 -22.66 -19.11 11.06
C PHE C 53 -23.46 -18.27 12.03
N LEU C 54 -24.40 -18.91 12.72
CA LEU C 54 -25.11 -18.29 13.86
C LEU C 54 -24.15 -17.78 14.93
N TYR C 55 -24.33 -16.52 15.32
CA TYR C 55 -23.70 -15.92 16.49
C TYR C 55 -24.42 -16.38 17.75
N SER C 56 -23.72 -16.31 18.88
CA SER C 56 -24.25 -16.72 20.19
C SER C 56 -25.62 -16.18 20.53
N GLY C 57 -26.45 -17.01 21.14
CA GLY C 57 -27.73 -16.58 21.64
C GLY C 57 -28.82 -16.50 20.60
N VAL C 58 -28.47 -16.56 19.31
CA VAL C 58 -29.47 -16.35 18.28
C VAL C 58 -30.34 -17.60 18.14
N PRO C 59 -31.66 -17.43 18.15
CA PRO C 59 -32.59 -18.55 17.96
C PRO C 59 -32.20 -19.36 16.75
N SER C 60 -32.17 -20.67 16.85
CA SER C 60 -31.74 -21.47 15.68
C SER C 60 -32.70 -21.31 14.51
N ARG C 61 -33.88 -20.74 14.74
CA ARG C 61 -34.79 -20.50 13.64
C ARG C 61 -34.23 -19.53 12.58
N PHE C 62 -33.16 -18.81 12.90
CA PHE C 62 -32.43 -17.98 11.90
C PHE C 62 -31.30 -18.76 11.23
N SER C 63 -31.13 -18.56 9.94
CA SER C 63 -30.02 -19.19 9.22
C SER C 63 -29.69 -18.46 7.93
N GLY C 64 -28.41 -18.50 7.56
CA GLY C 64 -27.92 -17.77 6.41
C GLY C 64 -27.25 -18.68 5.41
N SER C 65 -27.49 -18.39 4.15
CA SER C 65 -26.80 -19.05 3.07
C SER C 65 -26.30 -17.96 2.14
N GLY C 66 -25.61 -18.36 1.07
CA GLY C 66 -24.92 -17.43 0.22
C GLY C 66 -23.47 -17.82 0.09
N SER C 67 -22.85 -17.35 -0.99
CA SER C 67 -21.57 -17.87 -1.41
C SER C 67 -21.12 -17.14 -2.67
N GLY C 68 -20.88 -15.84 -2.57
CA GLY C 68 -20.22 -15.13 -3.68
C GLY C 68 -20.74 -13.74 -3.97
N THR C 69 -21.95 -13.66 -4.53
CA THR C 69 -22.58 -12.37 -4.83
C THR C 69 -24.04 -12.30 -4.38
N ASP C 70 -24.72 -13.44 -4.32
CA ASP C 70 -26.06 -13.51 -3.72
C ASP C 70 -25.97 -14.20 -2.36
N PHE C 71 -26.65 -13.64 -1.35
CA PHE C 71 -26.79 -14.27 -0.03
C PHE C 71 -28.24 -14.16 0.47
N THR C 72 -28.61 -15.03 1.42
CA THR C 72 -29.99 -15.17 1.86
C THR C 72 -30.14 -15.45 3.35
N LEU C 73 -30.86 -14.58 4.06
CA LEU C 73 -31.28 -14.87 5.45
C LEU C 73 -32.60 -15.62 5.42
N THR C 74 -32.79 -16.52 6.39
CA THR C 74 -34.02 -17.31 6.47
C THR C 74 -34.47 -17.47 7.91
N ILE C 75 -35.64 -16.91 8.20
CA ILE C 75 -36.26 -17.10 9.48
C ILE C 75 -37.31 -18.17 9.17
N SER C 76 -37.17 -19.35 9.76
CA SER C 76 -37.96 -20.50 9.35
C SER C 76 -39.34 -20.49 9.96
N SER C 77 -39.43 -20.04 11.21
CA SER C 77 -40.70 -20.09 11.91
C SER C 77 -40.92 -18.75 12.59
N LEU C 78 -41.47 -17.81 11.82
CA LEU C 78 -41.45 -16.41 12.20
C LEU C 78 -42.18 -16.19 13.49
N GLN C 79 -41.67 -15.26 14.30
CA GLN C 79 -42.30 -14.96 15.59
C GLN C 79 -42.70 -13.48 15.69
N PRO C 80 -43.67 -13.16 16.55
CA PRO C 80 -43.94 -11.74 16.69
C PRO C 80 -42.67 -10.95 17.02
N GLU C 81 -41.93 -11.34 18.06
CA GLU C 81 -40.67 -10.64 18.48
C GLU C 81 -39.66 -10.38 17.36
N ASP C 82 -39.79 -11.10 16.25
CA ASP C 82 -38.93 -10.94 15.08
C ASP C 82 -39.25 -9.74 14.22
N PHE C 83 -40.27 -8.99 14.56
CA PHE C 83 -40.48 -7.70 13.92
C PHE C 83 -39.21 -6.89 14.13
N ALA C 84 -38.65 -6.41 13.03
CA ALA C 84 -37.39 -5.67 13.06
C ALA C 84 -36.95 -5.30 11.64
N THR C 85 -35.83 -4.60 11.55
CA THR C 85 -35.20 -4.35 10.27
C THR C 85 -33.89 -5.13 10.23
N TYR C 86 -33.64 -5.80 9.11
CA TYR C 86 -32.49 -6.67 8.98
C TYR C 86 -31.49 -6.15 7.96
N TYR C 87 -30.24 -6.03 8.40
CA TYR C 87 -29.17 -5.50 7.57
C TYR C 87 -28.16 -6.58 7.24
N CYS C 88 -27.79 -6.66 5.97
CA CYS C 88 -26.59 -7.41 5.62
C CYS C 88 -25.43 -6.42 5.52
N GLN C 89 -24.22 -6.95 5.75
CA GLN C 89 -22.99 -6.19 5.64
C GLN C 89 -21.95 -7.08 5.00
N GLN C 90 -21.11 -6.50 4.14
CA GLN C 90 -19.98 -7.24 3.59
C GLN C 90 -18.80 -6.96 4.50
N ALA C 91 -18.03 -8.00 4.77
CA ALA C 91 -16.97 -7.98 5.76
C ALA C 91 -15.69 -8.46 5.09
N TRP C 92 -15.46 -7.90 3.89
CA TRP C 92 -14.47 -8.39 2.94
C TRP C 92 -13.51 -7.31 2.49
N ALA C 93 -14.07 -6.20 2.01
CA ALA C 93 -13.28 -5.05 1.61
C ALA C 93 -12.73 -4.29 2.80
N TYR C 94 -11.72 -3.48 2.54
CA TYR C 94 -11.10 -2.63 3.57
C TYR C 94 -12.14 -1.79 4.29
N LEU C 95 -13.15 -1.34 3.54
CA LEU C 95 -14.22 -0.54 4.09
C LEU C 95 -15.49 -1.37 4.15
N PRO C 96 -16.06 -1.59 5.34
CA PRO C 96 -17.36 -2.22 5.43
C PRO C 96 -18.48 -1.38 4.80
N THR C 97 -19.56 -2.05 4.38
CA THR C 97 -20.80 -1.37 3.97
C THR C 97 -22.01 -2.26 4.26
N PHE C 98 -23.17 -1.66 4.42
CA PHE C 98 -24.39 -2.40 4.71
C PHE C 98 -25.40 -2.29 3.57
N GLY C 99 -26.36 -3.20 3.56
CA GLY C 99 -27.54 -3.05 2.72
C GLY C 99 -28.46 -1.98 3.29
N GLN C 100 -29.42 -1.53 2.49
CA GLN C 100 -30.31 -0.46 2.89
C GLN C 100 -31.30 -1.00 3.91
N GLY C 101 -31.46 -2.32 3.94
CA GLY C 101 -32.22 -2.99 4.99
C GLY C 101 -33.56 -3.49 4.51
N THR C 102 -34.00 -4.61 5.09
CA THR C 102 -35.31 -5.19 4.83
C THR C 102 -36.15 -5.10 6.10
N LYS C 103 -37.32 -4.46 6.02
CA LYS C 103 -38.17 -4.28 7.18
C LYS C 103 -39.25 -5.35 7.26
N VAL C 104 -39.20 -6.21 8.28
CA VAL C 104 -40.17 -7.31 8.40
C VAL C 104 -41.34 -6.94 9.29
N GLU C 105 -42.56 -7.21 8.79
CA GLU C 105 -43.82 -6.92 9.51
C GLU C 105 -44.60 -8.22 9.76
N ILE C 106 -45.21 -8.34 10.93
CA ILE C 106 -45.95 -9.56 11.25
C ILE C 106 -47.42 -9.43 10.87
N LYS C 107 -47.94 -10.46 10.22
CA LYS C 107 -49.32 -10.46 9.78
C LYS C 107 -50.17 -11.17 10.84
N ARG C 108 -51.16 -10.46 11.38
CA ARG C 108 -52.07 -11.02 12.39
C ARG C 108 -53.52 -10.95 11.94
N THR C 109 -54.38 -11.55 12.74
CA THR C 109 -55.82 -11.32 12.71
C THR C 109 -56.14 -9.83 12.66
N VAL C 110 -57.25 -9.48 12.03
CA VAL C 110 -57.67 -8.08 11.98
C VAL C 110 -58.12 -7.64 13.37
N ALA C 111 -57.65 -6.47 13.79
CA ALA C 111 -58.01 -5.95 15.10
C ALA C 111 -58.68 -4.59 14.94
N ALA C 112 -59.97 -4.54 15.28
CA ALA C 112 -60.70 -3.28 15.28
C ALA C 112 -60.08 -2.32 16.32
N PRO C 113 -59.83 -1.06 15.92
CA PRO C 113 -59.26 -0.05 16.81
C PRO C 113 -60.26 0.42 17.87
N SER C 114 -59.76 0.92 18.99
CA SER C 114 -60.57 1.65 19.94
C SER C 114 -60.30 3.12 19.66
N VAL C 115 -61.32 3.88 19.34
CA VAL C 115 -61.12 5.29 19.01
C VAL C 115 -61.54 6.14 20.19
N PHE C 116 -60.62 7.00 20.62
CA PHE C 116 -60.86 7.97 21.68
C PHE C 116 -60.62 9.35 21.10
N ILE C 117 -61.27 10.36 21.65
CA ILE C 117 -61.09 11.75 21.22
C ILE C 117 -60.86 12.63 22.43
N PHE C 118 -59.81 13.45 22.36
CA PHE C 118 -59.48 14.38 23.43
C PHE C 118 -59.61 15.80 22.92
N PRO C 119 -60.28 16.67 23.70
CA PRO C 119 -60.23 18.10 23.38
C PRO C 119 -58.97 18.74 23.95
N PRO C 120 -58.71 20.03 23.62
CA PRO C 120 -57.61 20.75 24.28
C PRO C 120 -57.90 20.98 25.76
N SER C 121 -56.95 21.57 26.49
CA SER C 121 -57.16 21.92 27.90
C SER C 121 -56.99 23.43 28.10
N ASP C 122 -57.70 23.97 29.07
CA ASP C 122 -57.60 25.40 29.41
C ASP C 122 -56.16 25.89 29.32
N GLU C 123 -55.26 25.18 30.00
CA GLU C 123 -53.84 25.51 30.02
C GLU C 123 -53.34 25.93 28.63
N GLN C 124 -53.66 25.11 27.63
CA GLN C 124 -53.18 25.29 26.26
C GLN C 124 -53.80 26.50 25.53
N LEU C 125 -55.13 26.60 25.57
CA LEU C 125 -55.87 27.69 24.90
C LEU C 125 -55.34 29.07 25.31
N LYS C 126 -55.05 29.20 26.60
CA LYS C 126 -54.57 30.44 27.21
C LYS C 126 -53.26 30.96 26.61
N SER C 127 -52.40 30.05 26.16
CA SER C 127 -51.12 30.41 25.57
C SER C 127 -51.30 31.06 24.19
N GLY C 128 -52.10 30.41 23.34
CA GLY C 128 -52.34 30.93 22.00
C GLY C 128 -53.14 30.01 21.10
N THR C 129 -52.73 28.73 21.03
CA THR C 129 -53.30 27.75 20.10
C THR C 129 -53.91 26.54 20.83
N ALA C 130 -54.82 25.83 20.14
CA ALA C 130 -55.46 24.61 20.65
C ALA C 130 -55.28 23.40 19.71
N SER C 131 -55.24 22.19 20.28
CA SER C 131 -55.00 20.96 19.55
C SER C 131 -55.85 19.79 20.05
N VAL C 132 -56.44 19.06 19.12
CA VAL C 132 -57.45 18.04 19.43
C VAL C 132 -56.98 16.66 18.94
N VAL C 133 -56.78 15.74 19.88
CA VAL C 133 -56.19 14.43 19.59
C VAL C 133 -57.26 13.36 19.30
N CYS C 134 -56.92 12.40 18.42
CA CYS C 134 -57.75 11.19 18.20
C CYS C 134 -56.95 9.87 18.25
N LEU C 135 -56.84 9.30 19.44
CA LEU C 135 -56.18 8.00 19.64
C LEU C 135 -56.98 6.86 18.99
N LEU C 136 -56.35 6.14 18.06
CA LEU C 136 -56.87 4.83 17.62
C LEU C 136 -55.99 3.78 18.29
N ASN C 137 -56.39 3.29 19.45
CA ASN C 137 -55.56 2.34 20.15
C ASN C 137 -55.67 0.94 19.53
N ASN C 138 -54.50 0.35 19.29
CA ASN C 138 -54.35 -1.08 18.97
C ASN C 138 -55.21 -1.58 17.83
N PHE C 139 -54.62 -1.73 16.65
CA PHE C 139 -55.36 -2.24 15.51
C PHE C 139 -54.47 -2.94 14.49
N TYR C 140 -55.09 -3.62 13.53
CA TYR C 140 -54.36 -4.20 12.42
C TYR C 140 -55.31 -4.44 11.27
N PRO C 141 -54.87 -4.16 10.03
CA PRO C 141 -53.59 -3.61 9.63
C PRO C 141 -53.42 -2.11 9.86
N ARG C 142 -52.21 -1.63 9.62
CA ARG C 142 -51.80 -0.25 9.85
C ARG C 142 -52.57 0.72 8.96
N GLU C 143 -53.10 0.22 7.86
CA GLU C 143 -53.81 1.03 6.85
C GLU C 143 -55.18 1.48 7.36
N ALA C 144 -55.25 2.71 7.86
CA ALA C 144 -56.46 3.22 8.49
C ALA C 144 -56.76 4.68 8.13
N LYS C 145 -58.00 4.94 7.75
CA LYS C 145 -58.44 6.26 7.31
C LYS C 145 -58.97 7.09 8.48
N VAL C 146 -58.47 8.31 8.63
CA VAL C 146 -58.97 9.23 9.65
C VAL C 146 -59.59 10.47 9.00
N GLN C 147 -60.81 10.81 9.41
CA GLN C 147 -61.47 12.04 8.96
C GLN C 147 -61.89 12.93 10.13
N TRP C 148 -61.68 14.23 9.95
CA TRP C 148 -62.00 15.23 10.96
C TRP C 148 -63.13 16.13 10.45
N LYS C 149 -64.03 16.51 11.35
CA LYS C 149 -65.17 17.38 11.02
C LYS C 149 -65.41 18.42 12.13
N VAL C 150 -65.58 19.68 11.71
CA VAL C 150 -65.74 20.80 12.62
C VAL C 150 -67.04 21.53 12.26
N ASP C 151 -68.13 21.15 12.94
CA ASP C 151 -69.51 21.46 12.50
C ASP C 151 -69.76 20.87 11.11
N ASN C 152 -69.23 19.67 10.89
CA ASN C 152 -69.33 18.96 9.61
C ASN C 152 -68.56 19.60 8.44
N ALA C 153 -67.65 20.53 8.74
CA ALA C 153 -66.77 21.13 7.73
C ALA C 153 -65.52 20.26 7.55
N LEU C 154 -65.68 19.13 6.85
CA LEU C 154 -64.59 18.17 6.61
C LEU C 154 -63.24 18.86 6.39
N GLN C 155 -62.57 19.15 7.50
CA GLN C 155 -61.29 19.83 7.44
C GLN C 155 -60.21 18.88 6.95
N SER C 156 -59.25 19.42 6.20
CA SER C 156 -58.11 18.64 5.72
C SER C 156 -56.90 19.56 5.49
N GLY C 157 -55.71 19.01 5.68
CA GLY C 157 -54.46 19.78 5.56
C GLY C 157 -54.26 20.73 6.73
N ASN C 158 -54.66 20.27 7.92
CA ASN C 158 -54.52 21.04 9.15
C ASN C 158 -54.43 20.13 10.39
N SER C 159 -53.77 18.98 10.21
CA SER C 159 -53.61 17.98 11.25
C SER C 159 -52.63 16.91 10.81
N GLN C 160 -52.18 16.06 11.73
CA GLN C 160 -51.02 15.18 11.49
C GLN C 160 -51.13 13.81 12.16
N GLU C 161 -50.70 12.76 11.46
CA GLU C 161 -50.72 11.40 11.99
C GLU C 161 -49.33 11.01 12.50
N SER C 162 -49.30 10.24 13.59
CA SER C 162 -48.07 9.63 14.12
C SER C 162 -48.38 8.18 14.49
N VAL C 163 -47.74 7.22 13.83
CA VAL C 163 -48.06 5.82 14.05
C VAL C 163 -46.94 5.09 14.85
N THR C 164 -47.37 4.44 15.93
CA THR C 164 -46.54 3.63 16.80
C THR C 164 -45.88 2.52 15.98
N GLU C 165 -44.70 2.09 16.39
CA GLU C 165 -44.07 0.90 15.81
C GLU C 165 -44.83 -0.35 16.27
N GLN C 166 -45.03 -1.29 15.33
CA GLN C 166 -45.81 -2.50 15.57
C GLN C 166 -45.37 -3.19 16.85
N ASP C 167 -46.32 -3.42 17.76
CA ASP C 167 -46.08 -4.20 18.98
C ASP C 167 -45.43 -5.56 18.67
N SER C 168 -44.31 -5.86 19.31
CA SER C 168 -43.65 -7.14 19.08
C SER C 168 -44.21 -8.26 19.97
N LYS C 169 -45.34 -8.01 20.64
CA LYS C 169 -46.07 -9.05 21.34
C LYS C 169 -47.42 -9.29 20.65
N ASP C 170 -48.29 -8.28 20.66
CA ASP C 170 -49.63 -8.43 20.09
C ASP C 170 -49.68 -8.03 18.60
N SER C 171 -48.56 -7.53 18.05
CA SER C 171 -48.49 -7.18 16.63
C SER C 171 -49.46 -6.09 16.14
N THR C 172 -49.87 -5.17 17.02
CA THR C 172 -50.82 -4.11 16.66
C THR C 172 -50.20 -2.72 16.65
N TYR C 173 -50.89 -1.78 16.01
CA TYR C 173 -50.43 -0.39 15.96
C TYR C 173 -51.40 0.48 16.68
N SER C 174 -50.89 1.61 17.17
CA SER C 174 -51.74 2.66 17.67
C SER C 174 -51.43 3.92 16.84
N LEU C 175 -52.40 4.80 16.69
CA LEU C 175 -52.27 5.96 15.83
C LEU C 175 -52.91 7.23 16.41
N SER C 176 -52.20 8.36 16.28
CA SER C 176 -52.66 9.64 16.81
C SER C 176 -52.84 10.69 15.72
N SER C 177 -54.03 11.31 15.67
CA SER C 177 -54.32 12.43 14.74
C SER C 177 -54.51 13.72 15.52
N THR C 178 -53.60 14.68 15.33
CA THR C 178 -53.58 15.90 16.11
C THR C 178 -53.92 17.09 15.23
N LEU C 179 -54.96 17.82 15.63
CA LEU C 179 -55.61 18.88 14.82
C LEU C 179 -55.34 20.29 15.38
N THR C 180 -54.52 21.06 14.65
CA THR C 180 -54.11 22.40 15.08
C THR C 180 -54.98 23.48 14.46
N LEU C 181 -55.47 24.40 15.28
CA LEU C 181 -56.07 25.67 14.83
C LEU C 181 -55.96 26.72 15.94
N SER C 182 -55.95 28.01 15.56
CA SER C 182 -55.84 29.08 16.54
C SER C 182 -57.12 29.19 17.37
N LYS C 183 -56.97 29.60 18.63
CA LYS C 183 -58.10 29.80 19.55
C LYS C 183 -59.15 30.73 18.93
N ALA C 184 -58.67 31.71 18.18
CA ALA C 184 -59.53 32.55 17.35
C ALA C 184 -60.52 31.69 16.57
N ASP C 185 -59.99 30.74 15.80
CA ASP C 185 -60.81 29.88 14.95
C ASP C 185 -61.53 28.75 15.72
N TYR C 186 -60.94 28.30 16.83
CA TYR C 186 -61.50 27.19 17.62
C TYR C 186 -62.85 27.52 18.28
N GLU C 187 -63.02 28.75 18.73
CA GLU C 187 -64.24 29.16 19.43
C GLU C 187 -65.44 29.30 18.48
N LYS C 188 -65.16 29.43 17.18
CA LYS C 188 -66.21 29.48 16.13
C LYS C 188 -67.22 28.34 16.24
N HIS C 189 -66.75 27.17 16.68
CA HIS C 189 -67.52 25.94 16.62
C HIS C 189 -67.58 25.27 18.00
N LYS C 190 -68.63 24.48 18.23
CA LYS C 190 -68.86 23.81 19.51
C LYS C 190 -68.50 22.32 19.47
N VAL C 191 -69.21 21.57 18.63
CA VAL C 191 -69.07 20.10 18.58
C VAL C 191 -68.06 19.66 17.51
N TYR C 192 -66.93 19.11 17.96
CA TYR C 192 -65.90 18.54 17.08
C TYR C 192 -65.94 17.02 17.18
N ALA C 193 -65.75 16.32 16.05
CA ALA C 193 -65.78 14.87 16.02
C ALA C 193 -64.67 14.27 15.15
N CYS C 194 -64.40 12.99 15.38
CA CYS C 194 -63.34 12.24 14.68
C CYS C 194 -63.95 10.96 14.12
N GLU C 195 -63.67 10.63 12.86
CA GLU C 195 -64.25 9.43 12.23
C GLU C 195 -63.18 8.50 11.66
N VAL C 196 -63.35 7.22 11.92
CA VAL C 196 -62.31 6.22 11.66
C VAL C 196 -62.84 5.06 10.83
N THR C 197 -62.49 5.05 9.54
CA THR C 197 -62.65 3.87 8.71
C THR C 197 -61.40 3.00 8.83
N HIS C 198 -61.62 1.73 9.16
CA HIS C 198 -60.57 0.73 9.25
C HIS C 198 -61.18 -0.66 9.08
N GLN C 199 -60.58 -1.44 8.20
CA GLN C 199 -61.05 -2.77 7.85
C GLN C 199 -61.85 -3.50 8.95
N GLY C 200 -61.24 -3.67 10.12
CA GLY C 200 -61.86 -4.41 11.23
C GLY C 200 -63.10 -3.81 11.88
N LEU C 201 -63.57 -2.67 11.40
CA LEU C 201 -64.88 -2.12 11.76
C LEU C 201 -65.85 -2.39 10.62
N SER C 202 -67.01 -2.96 10.93
CA SER C 202 -68.01 -3.26 9.89
C SER C 202 -68.61 -1.98 9.33
N SER C 203 -68.56 -0.88 10.08
CA SER C 203 -68.85 0.46 9.54
C SER C 203 -68.08 1.54 10.32
N PRO C 204 -67.92 2.74 9.73
CA PRO C 204 -67.12 3.77 10.38
C PRO C 204 -67.61 4.10 11.80
N VAL C 205 -66.68 4.16 12.74
CA VAL C 205 -66.93 4.68 14.09
C VAL C 205 -66.58 6.17 14.13
N THR C 206 -67.41 6.95 14.81
CA THR C 206 -67.19 8.38 14.97
C THR C 206 -67.28 8.74 16.45
N LYS C 207 -66.19 9.25 17.00
CA LYS C 207 -66.14 9.76 18.38
C LYS C 207 -66.23 11.31 18.40
N SER C 208 -66.85 11.87 19.43
CA SER C 208 -67.16 13.32 19.47
C SER C 208 -67.21 13.91 20.90
N PHE C 209 -67.41 15.22 21.00
CA PHE C 209 -67.49 15.91 22.30
C PHE C 209 -68.22 17.27 22.24
N ASN C 210 -68.79 17.67 23.39
CA ASN C 210 -69.38 18.99 23.57
C ASN C 210 -68.39 19.95 24.24
N ARG C 211 -68.08 21.06 23.56
CA ARG C 211 -67.24 22.12 24.12
C ARG C 211 -67.99 22.77 25.29
N GLY C 212 -67.32 22.89 26.43
CA GLY C 212 -67.95 23.37 27.65
C GLY C 212 -68.45 22.22 28.53
N GLU C 213 -69.02 21.20 27.89
CA GLU C 213 -69.47 19.97 28.57
C GLU C 213 -70.56 20.21 29.63
N CYS C 214 -70.19 20.64 30.84
CA CYS C 214 -71.14 20.79 31.95
C CYS C 214 -72.02 22.03 31.79
#